data_9BCF
#
_entry.id   9BCF
#
_cell.length_a   158.778
_cell.length_b   158.778
_cell.length_c   123.498
_cell.angle_alpha   90.00
_cell.angle_beta   90.00
_cell.angle_gamma   90.00
#
_symmetry.space_group_name_H-M   'P 43 21 2'
#
loop_
_entity.id
_entity.type
_entity.pdbx_description
1 polymer 'Parvalbumin, Green fluorescent protein chimera'
2 non-polymer 'CALCIUM ION'
3 water water
#
_entity_poly.entity_id   1
_entity_poly.type   'polypeptide(L)'
_entity_poly.pdbx_seq_one_letter_code
;MGAITDILSAKDIEAALSSCQAAESFNYKSFFSTVGLKGKSADQVKKVFGILDQDKSGFIEEDELQLFLKNFSSSARALT
DAETKAFLAAGDTDGDGKIGVDEFQALVKAGSSSSKGEELFTGVVPILVELDGDVNGHKFSVRGEGEGDATNGKLTLKFI
CTTGKLPVPWPTLVTTL(CRO)VLCFSRYPDHMKRHDFFKSAMPEGYVQERTISFKDDGTYKTRAEVKFEGDTLVNRIEL
KGIDFKEDGNILGHKLEYNFNSHNVYITADKQKNGIKAYFKIRHNVEDGSVQLADHYQQNTPIGDGPVLLPDNHYLSTQS
VLSKDPNEKRDHMVLLEDVTAAGITHGMDELYKGSGHHHHHH
;
_entity_poly.pdbx_strand_id   A,B,C
#
loop_
_chem_comp.id
_chem_comp.type
_chem_comp.name
_chem_comp.formula
CA non-polymer 'CALCIUM ION' 'Ca 2'
#
# COMPACT_ATOMS: atom_id res chain seq x y z
N SER A 115 1.06 -55.73 10.93
CA SER A 115 0.60 -56.46 9.72
C SER A 115 1.35 -55.96 8.48
N LYS A 116 1.19 -56.71 7.38
CA LYS A 116 1.70 -56.32 6.08
C LYS A 116 1.05 -55.00 5.66
N GLY A 117 -0.15 -54.72 6.18
CA GLY A 117 -0.87 -53.48 5.91
C GLY A 117 -0.03 -52.23 6.17
N GLU A 118 0.59 -52.15 7.35
CA GLU A 118 1.33 -50.95 7.73
C GLU A 118 2.47 -50.70 6.74
N GLU A 119 3.03 -51.81 6.22
CA GLU A 119 4.17 -51.74 5.32
C GLU A 119 3.82 -50.97 4.04
N LEU A 120 2.52 -50.74 3.78
CA LEU A 120 2.10 -50.17 2.51
C LEU A 120 2.15 -48.64 2.54
N PHE A 121 2.31 -48.03 3.72
CA PHE A 121 2.19 -46.58 3.83
C PHE A 121 3.54 -45.93 4.13
N THR A 122 4.62 -46.72 4.10
CA THR A 122 5.94 -46.21 4.35
C THR A 122 6.39 -45.32 3.19
N GLY A 123 5.70 -45.43 2.04
CA GLY A 123 5.98 -44.58 0.90
C GLY A 123 5.03 -43.38 0.85
N VAL A 124 5.21 -42.57 -0.19
CA VAL A 124 4.18 -41.66 -0.66
C VAL A 124 3.24 -42.46 -1.54
N VAL A 125 1.96 -42.58 -1.12
CA VAL A 125 0.98 -43.34 -1.86
C VAL A 125 0.08 -42.37 -2.61
N PRO A 126 -0.29 -42.67 -3.88
CA PRO A 126 -1.25 -41.84 -4.61
C PRO A 126 -2.69 -42.13 -4.15
N ILE A 127 -3.55 -41.10 -4.28
CA ILE A 127 -4.89 -41.12 -3.70
C ILE A 127 -5.91 -40.71 -4.76
N LEU A 128 -6.98 -41.49 -4.84
CA LEU A 128 -8.15 -41.16 -5.64
C LEU A 128 -9.36 -41.05 -4.71
N VAL A 129 -10.22 -40.06 -4.98
CA VAL A 129 -11.43 -39.88 -4.19
C VAL A 129 -12.58 -39.61 -5.15
N GLU A 130 -13.67 -40.38 -5.01
CA GLU A 130 -14.87 -40.17 -5.81
C GLU A 130 -16.06 -40.09 -4.88
N LEU A 131 -16.83 -39.00 -5.02
CA LEU A 131 -18.04 -38.77 -4.23
C LEU A 131 -19.20 -38.46 -5.16
N ASP A 132 -20.27 -39.26 -5.02
CA ASP A 132 -21.56 -38.98 -5.63
C ASP A 132 -22.51 -38.60 -4.51
N GLY A 133 -23.21 -37.46 -4.67
CA GLY A 133 -23.89 -36.83 -3.55
C GLY A 133 -25.25 -36.25 -3.97
N ASP A 134 -26.20 -36.32 -3.04
CA ASP A 134 -27.56 -35.75 -3.28
C ASP A 134 -27.99 -35.01 -2.01
N VAL A 135 -27.95 -33.68 -2.02
CA VAL A 135 -28.32 -32.89 -0.87
C VAL A 135 -29.58 -32.09 -1.19
N ASN A 136 -30.68 -32.45 -0.54
CA ASN A 136 -31.98 -31.84 -0.77
C ASN A 136 -32.29 -31.85 -2.26
N GLY A 137 -31.96 -32.96 -2.92
CA GLY A 137 -32.32 -33.13 -4.33
C GLY A 137 -31.24 -32.63 -5.27
N HIS A 138 -30.37 -31.73 -4.80
CA HIS A 138 -29.23 -31.29 -5.58
C HIS A 138 -28.24 -32.45 -5.69
N LYS A 139 -28.02 -32.91 -6.93
CA LYS A 139 -27.10 -33.99 -7.22
C LYS A 139 -25.77 -33.38 -7.65
N PHE A 140 -24.66 -34.03 -7.28
CA PHE A 140 -23.34 -33.52 -7.58
C PHE A 140 -22.31 -34.63 -7.50
N SER A 141 -21.19 -34.45 -8.19
CA SER A 141 -20.07 -35.37 -8.09
C SER A 141 -18.78 -34.60 -7.88
N VAL A 142 -17.87 -35.26 -7.16
CA VAL A 142 -16.57 -34.69 -6.84
C VAL A 142 -15.51 -35.76 -7.04
N ARG A 143 -14.45 -35.42 -7.79
CA ARG A 143 -13.28 -36.27 -7.91
C ARG A 143 -12.09 -35.55 -7.28
N GLY A 144 -11.28 -36.29 -6.54
CA GLY A 144 -10.04 -35.76 -5.99
C GLY A 144 -8.87 -36.68 -6.31
N GLU A 145 -7.73 -36.07 -6.63
CA GLU A 145 -6.48 -36.78 -6.84
C GLU A 145 -5.43 -36.15 -5.94
N GLY A 146 -4.52 -36.98 -5.40
CA GLY A 146 -3.40 -36.45 -4.66
C GLY A 146 -2.53 -37.55 -4.08
N GLU A 147 -1.70 -37.20 -3.09
CA GLU A 147 -0.74 -38.13 -2.54
C GLU A 147 -0.75 -38.06 -1.02
N GLY A 148 -0.33 -39.18 -0.41
CA GLY A 148 -0.40 -39.36 1.03
C GLY A 148 0.91 -39.93 1.58
N ASP A 149 1.64 -39.09 2.31
CA ASP A 149 2.82 -39.51 3.05
C ASP A 149 2.42 -39.83 4.48
N ALA A 150 2.18 -41.12 4.76
CA ALA A 150 1.53 -41.51 6.00
C ALA A 150 2.49 -41.46 7.19
N THR A 151 3.79 -41.49 6.93
CA THR A 151 4.74 -41.49 8.03
C THR A 151 4.78 -40.08 8.65
N ASN A 152 4.36 -39.06 7.89
CA ASN A 152 4.28 -37.70 8.41
C ASN A 152 2.84 -37.24 8.59
N GLY A 153 1.89 -38.10 8.21
CA GLY A 153 0.47 -37.81 8.37
C GLY A 153 -0.02 -36.75 7.39
N LYS A 154 0.69 -36.54 6.27
CA LYS A 154 0.39 -35.43 5.38
C LYS A 154 -0.36 -35.91 4.14
N LEU A 155 -1.36 -35.11 3.75
CA LEU A 155 -2.14 -35.30 2.53
C LEU A 155 -2.09 -34.02 1.71
N THR A 156 -2.06 -34.17 0.39
CA THR A 156 -2.08 -33.01 -0.54
C THR A 156 -2.96 -33.41 -1.70
N LEU A 157 -4.23 -33.00 -1.71
CA LEU A 157 -5.17 -33.42 -2.74
C LEU A 157 -5.85 -32.21 -3.38
N LYS A 158 -6.33 -32.40 -4.61
CA LYS A 158 -7.16 -31.41 -5.28
C LYS A 158 -8.48 -32.06 -5.68
N PHE A 159 -9.58 -31.39 -5.35
CA PHE A 159 -10.91 -31.91 -5.64
C PHE A 159 -11.59 -31.01 -6.65
N ILE A 160 -12.47 -31.61 -7.44
CA ILE A 160 -13.21 -30.92 -8.50
C ILE A 160 -14.67 -31.34 -8.39
N CYS A 161 -15.58 -30.38 -8.56
CA CYS A 161 -16.96 -30.74 -8.80
C CYS A 161 -17.15 -30.92 -10.29
N THR A 162 -17.34 -32.18 -10.68
CA THR A 162 -17.39 -32.53 -12.09
C THR A 162 -18.76 -32.17 -12.64
N THR A 163 -19.78 -32.09 -11.77
CA THR A 163 -21.15 -31.84 -12.20
C THR A 163 -21.42 -30.34 -12.40
N GLY A 164 -20.50 -29.46 -11.96
CA GLY A 164 -20.68 -28.03 -12.15
C GLY A 164 -20.31 -27.26 -10.89
N LYS A 165 -21.20 -26.35 -10.46
CA LYS A 165 -21.01 -25.60 -9.22
C LYS A 165 -21.51 -26.48 -8.07
N LEU A 166 -20.66 -26.68 -7.07
CA LEU A 166 -20.98 -27.54 -5.94
C LEU A 166 -22.05 -26.87 -5.08
N PRO A 167 -23.16 -27.56 -4.76
CA PRO A 167 -24.31 -26.90 -4.10
C PRO A 167 -24.22 -26.70 -2.60
N VAL A 168 -23.26 -27.34 -1.95
CA VAL A 168 -22.97 -27.09 -0.55
C VAL A 168 -21.56 -26.50 -0.47
N PRO A 169 -21.15 -25.85 0.63
CA PRO A 169 -19.81 -25.27 0.73
C PRO A 169 -18.79 -26.40 0.91
N TRP A 170 -17.61 -26.22 0.32
CA TRP A 170 -16.59 -27.26 0.26
C TRP A 170 -16.24 -27.78 1.66
N PRO A 171 -16.09 -26.93 2.69
CA PRO A 171 -15.76 -27.44 4.03
C PRO A 171 -16.61 -28.60 4.55
N THR A 172 -17.88 -28.65 4.16
CA THR A 172 -18.80 -29.65 4.68
C THR A 172 -18.38 -31.04 4.21
N LEU A 173 -17.64 -31.09 3.09
CA LEU A 173 -17.25 -32.36 2.49
C LEU A 173 -15.85 -32.79 2.96
N VAL A 174 -15.09 -31.92 3.61
CA VAL A 174 -13.70 -32.23 3.91
C VAL A 174 -13.62 -33.54 4.69
N THR A 175 -14.39 -33.65 5.79
CA THR A 175 -14.38 -34.86 6.60
C THR A 175 -14.75 -36.08 5.77
N THR A 176 -15.75 -35.94 4.89
CA THR A 176 -16.19 -37.08 4.09
C THR A 176 -15.12 -37.40 3.03
N LEU A 177 -14.48 -36.36 2.49
CA LEU A 177 -13.35 -36.47 1.56
C LEU A 177 -11.97 -36.92 2.20
N1 CRO A 178 -11.25 -36.34 3.22
CA1 CRO A 178 -10.52 -37.30 4.15
CB1 CRO A 178 -8.99 -37.42 3.94
CG1 CRO A 178 -8.55 -36.72 2.65
OG1 CRO A 178 -8.18 -36.96 5.03
C1 CRO A 178 -10.88 -37.42 5.63
N2 CRO A 178 -10.60 -36.62 6.66
N3 CRO A 178 -11.59 -38.54 6.03
C2 CRO A 178 -11.80 -38.48 7.38
O2 CRO A 178 -12.38 -39.35 8.02
CA2 CRO A 178 -11.30 -37.15 7.76
CA3 CRO A 178 -12.10 -39.60 5.16
C3 CRO A 178 -11.16 -40.79 5.01
O3 CRO A 178 -11.53 -41.91 5.42
CB2 CRO A 178 -11.55 -36.61 8.97
CG2 CRO A 178 -11.29 -35.29 9.52
CD1 CRO A 178 -10.71 -34.29 8.74
CD2 CRO A 178 -11.63 -34.95 10.83
CE1 CRO A 178 -10.45 -33.03 9.25
CE2 CRO A 178 -11.39 -33.70 11.35
CZ CRO A 178 -10.79 -32.73 10.55
OH CRO A 178 -10.52 -31.47 11.03
N VAL A 179 -9.98 -40.54 4.42
CA VAL A 179 -8.81 -41.45 4.35
C VAL A 179 -7.93 -41.23 5.57
N LEU A 180 -8.13 -42.04 6.61
CA LEU A 180 -7.42 -41.88 7.87
C LEU A 180 -6.25 -42.85 7.95
N CYS A 181 -6.22 -43.83 7.04
CA CYS A 181 -5.06 -44.70 6.95
C CYS A 181 -3.79 -43.85 6.89
N PHE A 182 -3.87 -42.66 6.27
CA PHE A 182 -2.74 -41.77 6.17
C PHE A 182 -2.52 -40.93 7.44
N SER A 183 -2.95 -41.41 8.61
CA SER A 183 -2.64 -40.72 9.85
C SER A 183 -1.25 -41.16 10.32
N ARG A 184 -0.47 -40.23 10.86
CA ARG A 184 0.83 -40.57 11.46
C ARG A 184 0.58 -41.17 12.84
N TYR A 185 0.73 -42.49 12.96
CA TYR A 185 0.63 -43.17 14.23
C TYR A 185 2.03 -43.31 14.83
N PRO A 186 2.36 -42.58 15.92
CA PRO A 186 3.67 -42.71 16.55
C PRO A 186 4.01 -44.17 16.83
N ASP A 187 5.31 -44.48 16.91
CA ASP A 187 5.78 -45.85 17.08
C ASP A 187 5.10 -46.49 18.30
N HIS A 188 5.03 -45.74 19.40
CA HIS A 188 4.47 -46.25 20.63
C HIS A 188 2.98 -46.55 20.49
N MET A 189 2.38 -46.22 19.33
CA MET A 189 0.95 -46.40 19.14
C MET A 189 0.64 -47.26 17.92
N LYS A 190 1.66 -47.76 17.22
CA LYS A 190 1.45 -48.45 15.95
C LYS A 190 0.50 -49.63 16.13
N ARG A 191 0.37 -50.12 17.37
CA ARG A 191 -0.48 -51.27 17.66
C ARG A 191 -1.96 -50.89 17.56
N HIS A 192 -2.28 -49.62 17.27
CA HIS A 192 -3.65 -49.13 17.36
C HIS A 192 -4.15 -48.56 16.03
N ASP A 193 -3.35 -48.75 14.96
CA ASP A 193 -3.67 -48.21 13.62
C ASP A 193 -4.57 -49.19 12.86
N PHE A 194 -5.82 -49.32 13.30
CA PHE A 194 -6.80 -50.18 12.65
C PHE A 194 -6.82 -49.95 11.15
N PHE A 195 -6.71 -48.68 10.76
CA PHE A 195 -6.95 -48.26 9.40
C PHE A 195 -5.99 -48.98 8.47
N LYS A 196 -4.69 -48.85 8.76
CA LYS A 196 -3.67 -49.47 7.95
C LYS A 196 -3.82 -50.99 8.02
N SER A 197 -4.14 -51.50 9.21
CA SER A 197 -4.15 -52.93 9.46
C SER A 197 -5.19 -53.62 8.58
N ALA A 198 -6.22 -52.88 8.14
CA ALA A 198 -7.28 -53.45 7.33
C ALA A 198 -6.92 -53.41 5.85
N MET A 199 -5.74 -52.88 5.51
CA MET A 199 -5.29 -52.78 4.13
C MET A 199 -4.51 -54.05 3.78
N PRO A 200 -4.46 -54.45 2.49
CA PRO A 200 -5.09 -53.72 1.39
C PRO A 200 -6.54 -54.14 1.14
N GLU A 201 -6.98 -55.13 1.91
CA GLU A 201 -8.36 -55.60 1.86
C GLU A 201 -9.30 -54.40 1.80
N GLY A 202 -9.05 -53.41 2.69
CA GLY A 202 -9.82 -52.18 2.74
C GLY A 202 -10.76 -52.16 3.95
N TYR A 203 -11.50 -51.04 4.09
CA TYR A 203 -12.48 -50.89 5.16
C TYR A 203 -13.62 -50.01 4.68
N VAL A 204 -14.77 -50.12 5.35
CA VAL A 204 -15.93 -49.29 5.08
C VAL A 204 -16.05 -48.21 6.15
N GLN A 205 -16.36 -46.99 5.71
CA GLN A 205 -16.48 -45.86 6.61
C GLN A 205 -17.86 -45.23 6.43
N GLU A 206 -18.79 -45.62 7.30
CA GLU A 206 -20.09 -44.98 7.42
C GLU A 206 -20.01 -43.83 8.43
N ARG A 207 -20.82 -42.79 8.21
CA ARG A 207 -20.81 -41.65 9.10
C ARG A 207 -22.14 -40.90 9.01
N THR A 208 -22.71 -40.55 10.17
CA THR A 208 -23.81 -39.61 10.24
C THR A 208 -23.26 -38.26 10.66
N ILE A 209 -23.63 -37.21 9.93
CA ILE A 209 -23.14 -35.89 10.27
C ILE A 209 -24.37 -35.00 10.48
N SER A 210 -24.60 -34.64 11.73
CA SER A 210 -25.71 -33.76 12.07
C SER A 210 -25.19 -32.35 12.25
N PHE A 211 -25.72 -31.42 11.44
CA PHE A 211 -25.40 -30.01 11.55
C PHE A 211 -26.38 -29.34 12.49
N LYS A 212 -25.87 -28.87 13.64
CA LYS A 212 -26.69 -28.24 14.65
C LYS A 212 -27.62 -27.21 14.02
N ASP A 213 -28.93 -27.38 14.23
CA ASP A 213 -29.96 -26.45 13.77
C ASP A 213 -30.09 -26.47 12.25
N ASP A 214 -29.65 -27.55 11.59
CA ASP A 214 -29.73 -27.67 10.14
C ASP A 214 -29.84 -29.16 9.80
N GLY A 215 -29.64 -29.52 8.53
CA GLY A 215 -29.85 -30.88 8.07
C GLY A 215 -28.80 -31.86 8.55
N THR A 216 -28.82 -33.07 7.98
CA THR A 216 -27.93 -34.16 8.38
C THR A 216 -27.38 -34.85 7.14
N TYR A 217 -26.09 -35.26 7.19
CA TYR A 217 -25.46 -35.99 6.11
C TYR A 217 -25.31 -37.45 6.51
N LYS A 218 -25.65 -38.35 5.59
CA LYS A 218 -25.37 -39.77 5.74
C LYS A 218 -24.40 -40.21 4.64
N THR A 219 -23.21 -40.68 5.03
CA THR A 219 -22.16 -41.08 4.09
C THR A 219 -21.80 -42.55 4.33
N ARG A 220 -21.65 -43.29 3.22
CA ARG A 220 -21.04 -44.62 3.22
C ARG A 220 -19.89 -44.60 2.22
N ALA A 221 -18.73 -45.14 2.62
CA ALA A 221 -17.53 -45.09 1.79
C ALA A 221 -16.76 -46.40 1.86
N GLU A 222 -16.12 -46.75 0.74
CA GLU A 222 -15.17 -47.85 0.68
C GLU A 222 -13.78 -47.26 0.47
N VAL A 223 -12.85 -47.70 1.33
CA VAL A 223 -11.47 -47.24 1.33
C VAL A 223 -10.56 -48.45 1.17
N LYS A 224 -10.12 -48.69 -0.07
CA LYS A 224 -9.35 -49.87 -0.42
C LYS A 224 -8.25 -49.46 -1.40
N PHE A 225 -7.22 -50.30 -1.49
CA PHE A 225 -6.25 -50.18 -2.56
C PHE A 225 -6.90 -50.72 -3.83
N GLU A 226 -6.79 -49.95 -4.92
CA GLU A 226 -7.02 -50.45 -6.27
C GLU A 226 -5.72 -50.23 -7.05
N GLY A 227 -4.96 -51.32 -7.23
CA GLY A 227 -3.63 -51.24 -7.79
C GLY A 227 -2.67 -50.60 -6.78
N ASP A 228 -1.90 -49.62 -7.27
CA ASP A 228 -0.93 -48.91 -6.44
C ASP A 228 -1.61 -47.76 -5.71
N THR A 229 -2.87 -47.46 -6.05
CA THR A 229 -3.53 -46.26 -5.59
C THR A 229 -4.55 -46.58 -4.51
N LEU A 230 -4.63 -45.74 -3.48
CA LEU A 230 -5.66 -45.86 -2.45
C LEU A 230 -6.89 -45.05 -2.87
N VAL A 231 -8.07 -45.66 -2.82
CA VAL A 231 -9.27 -45.05 -3.37
C VAL A 231 -10.34 -44.94 -2.29
N ASN A 232 -10.88 -43.72 -2.13
CA ASN A 232 -12.01 -43.46 -1.26
C ASN A 232 -13.23 -43.20 -2.14
N ARG A 233 -14.10 -44.21 -2.24
CA ARG A 233 -15.32 -44.10 -3.02
C ARG A 233 -16.48 -43.90 -2.05
N ILE A 234 -17.34 -42.91 -2.30
CA ILE A 234 -18.29 -42.41 -1.31
C ILE A 234 -19.66 -42.12 -1.96
N GLU A 235 -20.74 -42.54 -1.29
CA GLU A 235 -22.07 -42.02 -1.57
C GLU A 235 -22.51 -41.17 -0.37
N LEU A 236 -23.12 -40.01 -0.65
CA LEU A 236 -23.56 -39.07 0.37
C LEU A 236 -24.99 -38.63 0.07
N LYS A 237 -25.90 -38.82 1.04
CA LYS A 237 -27.23 -38.23 0.98
C LYS A 237 -27.32 -37.19 2.10
N GLY A 238 -27.99 -36.07 1.79
CA GLY A 238 -28.24 -35.02 2.77
C GLY A 238 -29.72 -34.65 2.79
N ILE A 239 -30.30 -34.62 3.99
CA ILE A 239 -31.73 -34.38 4.16
C ILE A 239 -31.96 -33.22 5.13
N ASP A 240 -33.06 -32.49 4.90
CA ASP A 240 -33.58 -31.51 5.84
C ASP A 240 -32.62 -30.34 6.02
N PHE A 241 -31.88 -29.96 4.97
CA PHE A 241 -31.05 -28.77 5.06
C PHE A 241 -31.94 -27.54 4.81
N LYS A 242 -31.74 -26.49 5.62
CA LYS A 242 -32.48 -25.26 5.49
C LYS A 242 -32.01 -24.53 4.24
N GLU A 243 -32.96 -23.98 3.48
CA GLU A 243 -32.69 -23.38 2.20
C GLU A 243 -31.83 -22.13 2.36
N ASP A 244 -32.13 -21.33 3.39
CA ASP A 244 -31.32 -20.18 3.73
C ASP A 244 -30.41 -20.49 4.92
N GLY A 245 -30.25 -21.78 5.24
CA GLY A 245 -29.36 -22.21 6.31
C GLY A 245 -27.90 -22.04 5.91
N ASN A 246 -27.01 -22.14 6.89
CA ASN A 246 -25.59 -21.89 6.69
C ASN A 246 -25.02 -22.72 5.55
N ILE A 247 -25.48 -23.97 5.42
CA ILE A 247 -24.98 -24.88 4.41
C ILE A 247 -25.55 -24.48 3.04
N LEU A 248 -26.87 -24.56 2.87
CA LEU A 248 -27.45 -24.35 1.55
C LEU A 248 -27.37 -22.88 1.14
N GLY A 249 -27.19 -21.98 2.10
CA GLY A 249 -27.05 -20.56 1.82
C GLY A 249 -25.59 -20.12 1.67
N HIS A 250 -24.67 -21.08 1.53
CA HIS A 250 -23.25 -20.78 1.37
C HIS A 250 -22.83 -19.64 2.30
N LYS A 251 -22.95 -19.86 3.61
CA LYS A 251 -22.59 -18.86 4.61
C LYS A 251 -21.34 -19.29 5.39
N LEU A 252 -20.67 -20.37 4.94
CA LEU A 252 -19.52 -20.89 5.67
C LEU A 252 -18.25 -20.27 5.11
N GLU A 253 -17.27 -20.00 5.98
CA GLU A 253 -15.99 -19.47 5.56
C GLU A 253 -15.18 -20.60 4.91
N TYR A 254 -14.34 -20.24 3.93
CA TYR A 254 -13.55 -21.22 3.20
C TYR A 254 -12.27 -21.48 3.98
N ASN A 255 -12.42 -22.24 5.08
CA ASN A 255 -11.32 -22.60 5.94
C ASN A 255 -11.75 -23.79 6.79
N PHE A 256 -10.79 -24.46 7.44
CA PHE A 256 -11.08 -25.55 8.35
C PHE A 256 -10.32 -25.33 9.65
N ASN A 257 -10.82 -25.92 10.74
CA ASN A 257 -10.21 -25.76 12.05
C ASN A 257 -9.47 -27.05 12.41
N SER A 258 -9.00 -27.12 13.65
CA SER A 258 -8.29 -28.28 14.16
C SER A 258 -9.23 -29.04 15.08
N HIS A 259 -9.19 -30.36 15.00
CA HIS A 259 -10.16 -31.19 15.71
C HIS A 259 -9.46 -32.40 16.31
N ASN A 260 -10.11 -33.03 17.29
CA ASN A 260 -9.70 -34.35 17.74
C ASN A 260 -10.78 -35.35 17.37
N VAL A 261 -10.36 -36.39 16.65
CA VAL A 261 -11.22 -37.51 16.29
C VAL A 261 -11.05 -38.56 17.37
N TYR A 262 -12.09 -38.77 18.19
CA TYR A 262 -12.01 -39.73 19.28
C TYR A 262 -12.41 -41.09 18.74
N ILE A 263 -11.48 -42.05 18.87
CA ILE A 263 -11.63 -43.40 18.33
C ILE A 263 -11.76 -44.38 19.48
N THR A 264 -12.67 -45.35 19.33
CA THR A 264 -12.80 -46.45 20.26
C THR A 264 -13.04 -47.73 19.45
N ALA A 265 -12.63 -48.88 20.02
CA ALA A 265 -12.79 -50.17 19.37
C ALA A 265 -14.24 -50.62 19.44
N ASP A 266 -14.65 -51.42 18.46
CA ASP A 266 -15.96 -52.06 18.48
C ASP A 266 -15.75 -53.55 18.31
N LYS A 267 -15.63 -54.27 19.43
CA LYS A 267 -15.39 -55.70 19.41
C LYS A 267 -16.56 -56.39 18.69
N GLN A 268 -17.77 -55.85 18.88
CA GLN A 268 -19.00 -56.46 18.38
C GLN A 268 -19.03 -56.52 16.84
N LYS A 269 -18.46 -55.54 16.16
CA LYS A 269 -18.50 -55.49 14.70
C LYS A 269 -17.10 -55.59 14.11
N ASN A 270 -16.13 -56.01 14.95
CA ASN A 270 -14.74 -56.18 14.57
C ASN A 270 -14.19 -54.95 13.84
N GLY A 271 -14.52 -53.76 14.37
CA GLY A 271 -14.02 -52.53 13.79
C GLY A 271 -13.79 -51.46 14.85
N ILE A 272 -14.16 -50.22 14.53
CA ILE A 272 -14.01 -49.09 15.41
C ILE A 272 -15.22 -48.16 15.22
N LYS A 273 -15.48 -47.37 16.26
CA LYS A 273 -16.39 -46.25 16.17
C LYS A 273 -15.59 -44.98 16.49
N ALA A 274 -16.15 -43.83 16.12
CA ALA A 274 -15.50 -42.56 16.43
C ALA A 274 -16.52 -41.44 16.41
N TYR A 275 -16.34 -40.50 17.33
CA TYR A 275 -17.15 -39.30 17.42
C TYR A 275 -16.21 -38.09 17.43
N PHE A 276 -16.66 -37.00 16.81
CA PHE A 276 -16.00 -35.71 16.97
C PHE A 276 -16.99 -34.63 16.55
N LYS A 277 -16.66 -33.38 16.90
CA LYS A 277 -17.54 -32.25 16.59
C LYS A 277 -16.75 -31.21 15.79
N ILE A 278 -17.06 -31.11 14.50
CA ILE A 278 -16.44 -30.13 13.62
C ILE A 278 -16.99 -28.75 13.94
N ARG A 279 -16.08 -27.77 14.06
CA ARG A 279 -16.46 -26.37 14.14
C ARG A 279 -16.21 -25.73 12.78
N HIS A 280 -17.30 -25.44 12.07
CA HIS A 280 -17.27 -24.67 10.81
C HIS A 280 -17.48 -23.19 11.11
N ASN A 281 -16.44 -22.38 10.90
CA ASN A 281 -16.57 -20.94 10.94
C ASN A 281 -17.63 -20.47 9.94
N VAL A 282 -18.42 -19.47 10.39
CA VAL A 282 -19.50 -18.88 9.62
C VAL A 282 -19.15 -17.42 9.33
N GLU A 283 -19.61 -16.89 8.19
CA GLU A 283 -19.22 -15.56 7.73
C GLU A 283 -19.56 -14.50 8.77
N ASP A 284 -20.65 -14.71 9.51
CA ASP A 284 -21.17 -13.71 10.43
C ASP A 284 -20.43 -13.74 11.77
N GLY A 285 -19.46 -14.63 11.91
CA GLY A 285 -18.69 -14.72 13.15
C GLY A 285 -19.20 -15.83 14.06
N SER A 286 -20.35 -16.44 13.70
CA SER A 286 -20.88 -17.56 14.46
C SER A 286 -20.10 -18.82 14.08
N VAL A 287 -20.53 -19.94 14.67
CA VAL A 287 -19.96 -21.24 14.36
C VAL A 287 -21.08 -22.21 14.01
N GLN A 288 -20.90 -22.94 12.92
CA GLN A 288 -21.77 -24.04 12.57
C GLN A 288 -21.18 -25.32 13.13
N LEU A 289 -21.93 -26.03 13.98
CA LEU A 289 -21.42 -27.26 14.56
C LEU A 289 -21.90 -28.42 13.71
N ALA A 290 -21.13 -29.52 13.76
CA ALA A 290 -21.49 -30.74 13.04
C ALA A 290 -20.95 -31.95 13.80
N ASP A 291 -21.85 -32.62 14.52
CA ASP A 291 -21.53 -33.83 15.26
C ASP A 291 -21.35 -34.97 14.25
N HIS A 292 -20.20 -35.64 14.34
CA HIS A 292 -19.84 -36.70 13.42
C HIS A 292 -19.90 -38.01 14.18
N TYR A 293 -20.77 -38.92 13.73
CA TYR A 293 -20.85 -40.26 14.30
C TYR A 293 -20.35 -41.22 13.23
N GLN A 294 -19.29 -41.99 13.55
CA GLN A 294 -18.51 -42.72 12.57
C GLN A 294 -18.33 -44.18 12.97
N GLN A 295 -18.47 -45.07 11.99
CA GLN A 295 -18.26 -46.50 12.15
C GLN A 295 -17.36 -47.00 11.02
N ASN A 296 -16.32 -47.77 11.38
CA ASN A 296 -15.46 -48.39 10.38
C ASN A 296 -15.50 -49.90 10.59
N THR A 297 -15.76 -50.64 9.52
CA THR A 297 -15.71 -52.09 9.56
C THR A 297 -14.85 -52.58 8.41
N PRO A 298 -14.01 -53.63 8.62
CA PRO A 298 -13.12 -54.16 7.60
C PRO A 298 -13.86 -54.84 6.45
N ILE A 299 -13.39 -54.60 5.22
CA ILE A 299 -13.87 -55.34 4.06
C ILE A 299 -13.30 -56.75 4.10
N GLY A 300 -12.02 -56.86 4.49
CA GLY A 300 -11.35 -58.14 4.53
C GLY A 300 -11.70 -58.94 5.78
N ASP A 301 -11.51 -60.26 5.69
CA ASP A 301 -11.69 -61.10 6.90
C ASP A 301 -10.32 -61.24 7.56
N GLY A 302 -9.27 -60.65 6.96
CA GLY A 302 -7.95 -60.72 7.55
C GLY A 302 -7.91 -60.13 8.96
N PRO A 303 -6.90 -60.48 9.79
CA PRO A 303 -6.80 -59.98 11.15
C PRO A 303 -6.63 -58.46 11.14
N VAL A 304 -7.20 -57.80 12.16
CA VAL A 304 -7.27 -56.34 12.20
C VAL A 304 -6.96 -55.90 13.64
N LEU A 305 -6.24 -54.77 13.77
CA LEU A 305 -5.78 -54.32 15.07
C LEU A 305 -6.86 -53.50 15.76
N LEU A 306 -7.80 -54.18 16.43
CA LEU A 306 -8.81 -53.43 17.21
C LEU A 306 -8.02 -52.60 18.24
N PRO A 307 -8.04 -51.24 18.18
CA PRO A 307 -7.20 -50.45 19.06
C PRO A 307 -7.81 -49.99 20.37
N ASP A 308 -6.94 -49.53 21.27
CA ASP A 308 -7.44 -48.96 22.56
C ASP A 308 -7.89 -47.53 22.28
N ASN A 309 -8.56 -46.90 23.25
CA ASN A 309 -9.06 -45.56 23.05
C ASN A 309 -7.90 -44.59 22.85
N HIS A 310 -8.06 -43.72 21.86
CA HIS A 310 -7.09 -42.70 21.53
C HIS A 310 -7.79 -41.68 20.63
N TYR A 311 -7.04 -40.68 20.17
CA TYR A 311 -7.62 -39.71 19.27
C TYR A 311 -6.61 -39.27 18.21
N LEU A 312 -7.15 -38.61 17.18
CA LEU A 312 -6.38 -38.09 16.08
C LEU A 312 -6.48 -36.57 16.11
N SER A 313 -5.33 -35.90 16.28
CA SER A 313 -5.25 -34.46 16.14
C SER A 313 -5.20 -34.12 14.66
N THR A 314 -6.27 -33.54 14.12
CA THR A 314 -6.32 -33.19 12.71
C THR A 314 -6.08 -31.70 12.55
N GLN A 315 -5.43 -31.35 11.43
CA GLN A 315 -5.33 -29.98 10.96
C GLN A 315 -5.43 -29.99 9.44
N SER A 316 -5.99 -28.92 8.87
CA SER A 316 -6.25 -28.87 7.45
C SER A 316 -6.21 -27.42 6.96
N VAL A 317 -5.85 -27.25 5.69
CA VAL A 317 -5.78 -25.94 5.05
C VAL A 317 -6.47 -26.04 3.71
N LEU A 318 -7.36 -25.08 3.43
CA LEU A 318 -8.14 -25.06 2.21
C LEU A 318 -7.62 -23.95 1.31
N SER A 319 -7.39 -24.27 0.03
CA SER A 319 -6.85 -23.27 -0.88
C SER A 319 -7.41 -23.49 -2.29
N LYS A 320 -7.09 -22.55 -3.18
CA LYS A 320 -7.55 -22.61 -4.56
C LYS A 320 -6.35 -22.66 -5.49
N ASP A 321 -6.47 -23.47 -6.54
CA ASP A 321 -5.56 -23.40 -7.67
C ASP A 321 -5.94 -22.19 -8.52
N PRO A 322 -5.05 -21.19 -8.68
CA PRO A 322 -5.44 -19.92 -9.29
C PRO A 322 -5.67 -20.02 -10.80
N ASN A 323 -5.30 -21.16 -11.40
CA ASN A 323 -5.52 -21.37 -12.82
C ASN A 323 -6.78 -22.20 -13.07
N GLU A 324 -7.37 -22.76 -12.01
CA GLU A 324 -8.47 -23.70 -12.16
C GLU A 324 -9.77 -22.94 -12.35
N LYS A 325 -10.51 -23.27 -13.42
CA LYS A 325 -11.77 -22.62 -13.71
C LYS A 325 -12.95 -23.42 -13.14
N ARG A 326 -12.74 -24.72 -12.88
CA ARG A 326 -13.80 -25.56 -12.33
C ARG A 326 -13.92 -25.29 -10.84
N ASP A 327 -15.13 -25.49 -10.30
CA ASP A 327 -15.34 -25.39 -8.86
C ASP A 327 -14.51 -26.49 -8.22
N HIS A 328 -13.59 -26.10 -7.35
CA HIS A 328 -12.62 -27.03 -6.83
C HIS A 328 -12.18 -26.60 -5.44
N MET A 329 -11.44 -27.51 -4.78
CA MET A 329 -10.86 -27.26 -3.48
C MET A 329 -9.52 -27.97 -3.41
N VAL A 330 -8.48 -27.22 -3.03
CA VAL A 330 -7.18 -27.81 -2.76
C VAL A 330 -7.03 -27.99 -1.25
N LEU A 331 -6.54 -29.16 -0.85
CA LEU A 331 -6.55 -29.53 0.56
C LEU A 331 -5.15 -29.96 0.97
N LEU A 332 -4.70 -29.46 2.12
CA LEU A 332 -3.55 -30.04 2.81
C LEU A 332 -3.99 -30.39 4.21
N GLU A 333 -3.96 -31.69 4.56
CA GLU A 333 -4.28 -32.17 5.91
C GLU A 333 -3.00 -32.68 6.58
N ASP A 334 -3.01 -32.64 7.92
CA ASP A 334 -1.89 -33.19 8.74
C ASP A 334 -2.53 -33.86 9.95
N VAL A 335 -2.59 -35.19 9.96
CA VAL A 335 -3.26 -35.95 11.01
C VAL A 335 -2.24 -36.78 11.78
N THR A 336 -2.22 -36.63 13.11
CA THR A 336 -1.32 -37.39 13.97
C THR A 336 -2.12 -38.01 15.12
N ALA A 337 -1.72 -39.21 15.54
CA ALA A 337 -2.38 -39.91 16.63
C ALA A 337 -1.77 -39.48 17.96
N ALA A 338 -2.59 -39.58 19.02
CA ALA A 338 -2.16 -39.30 20.38
C ALA A 338 -3.19 -39.89 21.34
N GLY A 339 -2.88 -39.82 22.65
CA GLY A 339 -3.81 -40.22 23.69
C GLY A 339 -3.32 -41.44 24.48
N ILE A 340 -2.20 -42.02 24.06
CA ILE A 340 -1.61 -43.18 24.72
C ILE A 340 -0.09 -42.94 24.84
N ALA B 3 -13.12 18.98 -0.24
CA ALA B 3 -11.67 19.29 -0.36
C ALA B 3 -10.90 18.04 -0.75
N ILE B 4 -9.80 18.25 -1.47
CA ILE B 4 -8.89 17.17 -1.83
C ILE B 4 -8.33 16.55 -0.55
N THR B 5 -8.17 17.36 0.49
CA THR B 5 -7.60 16.88 1.77
C THR B 5 -8.49 15.78 2.34
N ASP B 6 -9.74 15.70 1.89
CA ASP B 6 -10.67 14.69 2.37
C ASP B 6 -10.53 13.39 1.56
N ILE B 7 -9.56 13.34 0.66
CA ILE B 7 -9.26 12.13 -0.08
C ILE B 7 -7.77 11.85 0.03
N LEU B 8 -6.97 12.92 0.04
CA LEU B 8 -5.52 12.81 0.01
C LEU B 8 -4.96 13.44 1.28
N SER B 9 -3.75 13.03 1.67
CA SER B 9 -3.17 13.45 2.92
C SER B 9 -2.25 14.66 2.74
N ALA B 10 -2.21 15.49 3.80
CA ALA B 10 -1.24 16.57 3.88
C ALA B 10 0.18 16.04 3.70
N LYS B 11 0.51 14.92 4.37
CA LYS B 11 1.85 14.35 4.29
C LYS B 11 2.20 14.10 2.82
N ASP B 12 1.30 13.38 2.13
CA ASP B 12 1.51 12.99 0.75
C ASP B 12 1.49 14.20 -0.20
N ILE B 13 0.75 15.26 0.13
CA ILE B 13 0.72 16.40 -0.76
C ILE B 13 2.02 17.19 -0.60
N GLU B 14 2.32 17.62 0.63
CA GLU B 14 3.60 18.23 0.92
C GLU B 14 4.72 17.43 0.24
N ALA B 15 4.58 16.09 0.21
CA ALA B 15 5.59 15.24 -0.38
C ALA B 15 5.69 15.46 -1.89
N ALA B 16 4.57 15.23 -2.58
CA ALA B 16 4.48 15.37 -4.02
C ALA B 16 4.92 16.77 -4.49
N LEU B 17 4.54 17.82 -3.75
CA LEU B 17 4.85 19.19 -4.14
C LEU B 17 6.35 19.46 -4.00
N SER B 18 6.97 19.09 -2.87
CA SER B 18 8.37 19.40 -2.61
C SER B 18 9.26 18.94 -3.75
N SER B 19 8.83 17.86 -4.43
CA SER B 19 9.60 17.22 -5.49
C SER B 19 9.29 17.80 -6.87
N CYS B 20 8.70 19.01 -6.94
CA CYS B 20 8.36 19.62 -8.22
C CYS B 20 8.16 21.13 -8.11
N GLN B 21 8.77 21.78 -7.11
CA GLN B 21 8.66 23.22 -6.92
C GLN B 21 9.61 23.95 -7.87
N ALA B 22 10.31 23.15 -8.68
CA ALA B 22 11.28 23.64 -9.64
C ALA B 22 10.67 23.53 -11.04
N ALA B 23 10.86 24.57 -11.86
CA ALA B 23 10.21 24.66 -13.16
C ALA B 23 10.70 23.58 -14.11
N GLU B 24 9.73 22.84 -14.68
CA GLU B 24 9.96 21.85 -15.73
C GLU B 24 10.26 20.48 -15.13
N SER B 25 10.44 20.41 -13.81
CA SER B 25 10.36 19.14 -13.08
C SER B 25 8.91 18.88 -12.73
N PHE B 26 8.15 18.28 -13.66
CA PHE B 26 6.80 17.86 -13.32
C PHE B 26 6.45 16.60 -14.09
N ASN B 27 6.76 15.45 -13.51
CA ASN B 27 6.21 14.20 -13.97
C ASN B 27 4.84 14.04 -13.32
N TYR B 28 3.82 13.73 -14.14
CA TYR B 28 2.46 13.60 -13.63
C TYR B 28 2.31 12.23 -12.97
N LYS B 29 3.10 11.25 -13.45
CA LYS B 29 3.12 9.93 -12.86
C LYS B 29 3.82 9.96 -11.50
N SER B 30 4.93 10.71 -11.40
CA SER B 30 5.55 11.00 -10.11
C SER B 30 4.49 11.49 -9.13
N PHE B 31 3.69 12.46 -9.59
CA PHE B 31 2.77 13.17 -8.73
C PHE B 31 1.65 12.24 -8.28
N PHE B 32 0.99 11.57 -9.24
CA PHE B 32 -0.15 10.73 -8.95
C PHE B 32 0.24 9.60 -8.00
N SER B 33 1.41 9.00 -8.26
CA SER B 33 1.96 8.02 -7.34
C SER B 33 2.16 8.66 -5.96
N THR B 34 3.13 9.58 -5.83
CA THR B 34 3.52 10.14 -4.55
C THR B 34 2.31 10.64 -3.76
N VAL B 35 1.41 11.38 -4.42
CA VAL B 35 0.28 12.00 -3.73
C VAL B 35 -0.64 10.91 -3.16
N GLY B 36 -0.54 9.69 -3.69
CA GLY B 36 -1.28 8.55 -3.16
C GLY B 36 -2.62 8.36 -3.87
N LEU B 37 -2.75 9.02 -5.02
CA LEU B 37 -3.99 8.98 -5.79
C LEU B 37 -4.09 7.67 -6.58
N LYS B 38 -2.94 7.01 -6.78
CA LYS B 38 -2.85 5.88 -7.69
C LYS B 38 -3.58 4.66 -7.13
N GLY B 39 -3.82 4.64 -5.81
CA GLY B 39 -4.55 3.56 -5.17
C GLY B 39 -5.83 4.05 -4.50
N LYS B 40 -6.66 4.78 -5.26
CA LYS B 40 -7.95 5.27 -4.78
C LYS B 40 -9.08 4.67 -5.62
N SER B 41 -10.29 4.66 -5.05
CA SER B 41 -11.44 4.12 -5.75
C SER B 41 -11.82 5.10 -6.83
N ALA B 42 -12.25 4.59 -7.99
CA ALA B 42 -12.64 5.43 -9.11
C ALA B 42 -13.46 6.62 -8.64
N ASP B 43 -14.41 6.35 -7.73
CA ASP B 43 -15.30 7.37 -7.21
C ASP B 43 -14.46 8.52 -6.64
N GLN B 44 -13.50 8.20 -5.78
CA GLN B 44 -12.64 9.21 -5.18
C GLN B 44 -11.83 9.91 -6.25
N VAL B 45 -11.45 9.17 -7.30
CA VAL B 45 -10.65 9.73 -8.38
C VAL B 45 -11.50 10.77 -9.10
N LYS B 46 -12.83 10.53 -9.18
CA LYS B 46 -13.75 11.46 -9.80
C LYS B 46 -13.93 12.69 -8.93
N LYS B 47 -14.06 12.49 -7.61
CA LYS B 47 -14.23 13.59 -6.67
C LYS B 47 -13.09 14.60 -6.89
N VAL B 48 -11.88 14.10 -7.13
CA VAL B 48 -10.74 14.95 -7.43
C VAL B 48 -10.93 15.57 -8.82
N PHE B 49 -11.32 14.73 -9.80
CA PHE B 49 -11.54 15.21 -11.16
C PHE B 49 -12.42 16.46 -11.12
N GLY B 50 -13.43 16.44 -10.23
CA GLY B 50 -14.42 17.50 -10.14
C GLY B 50 -13.86 18.78 -9.51
N ILE B 51 -12.91 18.62 -8.57
CA ILE B 51 -12.21 19.76 -7.98
C ILE B 51 -11.40 20.46 -9.07
N LEU B 52 -10.68 19.64 -9.86
CA LEU B 52 -9.73 20.13 -10.85
C LEU B 52 -10.48 20.82 -11.97
N ASP B 53 -11.69 20.32 -12.25
CA ASP B 53 -12.65 20.94 -13.14
C ASP B 53 -13.29 22.13 -12.44
N GLN B 54 -12.51 23.21 -12.30
CA GLN B 54 -12.87 24.36 -11.49
C GLN B 54 -14.17 25.02 -11.97
N ASP B 55 -14.43 25.06 -13.28
CA ASP B 55 -15.61 25.73 -13.80
C ASP B 55 -16.78 24.75 -13.89
N LYS B 56 -16.62 23.56 -13.28
CA LYS B 56 -17.67 22.55 -13.22
C LYS B 56 -18.22 22.28 -14.63
N SER B 57 -17.34 22.31 -15.63
CA SER B 57 -17.75 22.28 -17.03
C SER B 57 -17.98 20.86 -17.53
N GLY B 58 -17.67 19.85 -16.69
CA GLY B 58 -17.60 18.47 -17.14
C GLY B 58 -16.22 18.09 -17.68
N PHE B 59 -15.35 19.08 -17.92
CA PHE B 59 -14.05 18.81 -18.51
C PHE B 59 -12.99 19.70 -17.89
N ILE B 60 -11.78 19.16 -17.78
CA ILE B 60 -10.60 19.93 -17.42
C ILE B 60 -9.98 20.44 -18.71
N GLU B 61 -9.92 21.76 -18.87
CA GLU B 61 -9.38 22.38 -20.06
C GLU B 61 -7.93 22.78 -19.77
N GLU B 62 -7.30 23.53 -20.67
CA GLU B 62 -5.90 23.84 -20.53
C GLU B 62 -5.72 24.89 -19.44
N ASP B 63 -6.59 25.92 -19.43
CA ASP B 63 -6.49 26.99 -18.45
C ASP B 63 -6.49 26.40 -17.05
N GLU B 64 -7.28 25.33 -16.84
CA GLU B 64 -7.48 24.72 -15.54
C GLU B 64 -6.38 23.72 -15.21
N LEU B 65 -5.84 23.09 -16.25
CA LEU B 65 -4.84 22.05 -16.10
C LEU B 65 -3.50 22.65 -15.68
N GLN B 66 -3.16 23.85 -16.19
CA GLN B 66 -1.96 24.52 -15.75
C GLN B 66 -2.07 24.83 -14.26
N LEU B 67 -3.32 24.96 -13.77
CA LEU B 67 -3.55 25.26 -12.37
C LEU B 67 -3.56 23.99 -11.51
N PHE B 68 -3.03 22.89 -12.04
CA PHE B 68 -3.28 21.58 -11.45
C PHE B 68 -2.81 21.56 -10.01
N LEU B 69 -1.58 22.02 -9.80
CA LEU B 69 -0.96 21.98 -8.48
C LEU B 69 -1.70 22.88 -7.50
N LYS B 70 -2.27 23.99 -8.00
CA LYS B 70 -2.88 24.97 -7.12
C LYS B 70 -4.11 24.36 -6.43
N ASN B 71 -4.65 23.28 -7.01
CA ASN B 71 -5.75 22.55 -6.39
C ASN B 71 -5.31 21.87 -5.08
N PHE B 72 -4.00 21.67 -4.88
CA PHE B 72 -3.51 20.79 -3.83
C PHE B 72 -2.80 21.60 -2.75
N SER B 73 -2.13 22.67 -3.14
CA SER B 73 -1.77 23.72 -2.21
C SER B 73 -1.96 25.08 -2.87
N SER B 74 -2.20 26.11 -2.04
CA SER B 74 -2.49 27.44 -2.55
C SER B 74 -1.21 28.11 -3.05
N SER B 75 -0.08 27.77 -2.41
CA SER B 75 1.19 28.38 -2.74
C SER B 75 1.89 27.60 -3.85
N ALA B 76 1.20 26.62 -4.44
CA ALA B 76 1.76 25.83 -5.53
C ALA B 76 1.99 26.70 -6.77
N ARG B 77 2.91 26.28 -7.65
CA ARG B 77 3.21 27.01 -8.88
C ARG B 77 2.24 26.56 -9.97
N ALA B 78 2.20 27.35 -11.05
CA ALA B 78 1.45 27.01 -12.24
C ALA B 78 2.35 26.24 -13.21
N LEU B 79 1.84 25.14 -13.76
CA LEU B 79 2.59 24.36 -14.73
C LEU B 79 3.02 25.26 -15.90
N THR B 80 4.32 25.25 -16.19
CA THR B 80 4.86 25.87 -17.39
C THR B 80 4.00 25.45 -18.58
N ASP B 81 3.96 26.30 -19.60
CA ASP B 81 3.14 26.06 -20.77
C ASP B 81 3.58 24.76 -21.46
N ALA B 82 4.86 24.39 -21.26
CA ALA B 82 5.37 23.08 -21.67
C ALA B 82 4.69 21.97 -20.86
N GLU B 83 4.91 21.97 -19.54
CA GLU B 83 4.35 20.94 -18.66
C GLU B 83 2.87 20.78 -18.96
N THR B 84 2.18 21.92 -19.12
CA THR B 84 0.72 21.88 -19.35
C THR B 84 0.44 21.17 -20.65
N LYS B 85 1.10 21.59 -21.73
CA LYS B 85 0.80 21.04 -23.04
C LYS B 85 1.14 19.54 -23.05
N ALA B 86 2.14 19.17 -22.25
CA ALA B 86 2.60 17.80 -22.12
C ALA B 86 1.56 16.94 -21.40
N PHE B 87 1.13 17.41 -20.23
CA PHE B 87 0.08 16.76 -19.45
C PHE B 87 -1.12 16.50 -20.36
N LEU B 88 -1.55 17.56 -21.04
CA LEU B 88 -2.71 17.51 -21.90
C LEU B 88 -2.50 16.44 -22.98
N ALA B 89 -1.24 16.32 -23.45
CA ALA B 89 -0.88 15.37 -24.48
C ALA B 89 -1.31 13.96 -24.08
N ALA B 90 -0.81 13.52 -22.92
CA ALA B 90 -1.10 12.21 -22.37
C ALA B 90 -2.60 12.02 -22.13
N GLY B 91 -3.22 12.99 -21.45
CA GLY B 91 -4.60 12.82 -21.00
C GLY B 91 -5.57 12.64 -22.15
N ASP B 92 -5.34 13.40 -23.23
CA ASP B 92 -6.33 13.67 -24.26
C ASP B 92 -6.36 12.55 -25.30
N THR B 93 -6.67 11.33 -24.85
CA THR B 93 -6.64 10.16 -25.70
C THR B 93 -7.55 10.41 -26.89
N ASP B 94 -8.79 10.83 -26.60
CA ASP B 94 -9.79 11.05 -27.63
C ASP B 94 -9.35 12.20 -28.53
N GLY B 95 -8.69 13.21 -27.95
CA GLY B 95 -8.17 14.34 -28.70
C GLY B 95 -9.23 15.42 -28.95
N ASP B 96 -9.91 15.85 -27.88
CA ASP B 96 -10.90 16.92 -27.97
C ASP B 96 -10.34 18.20 -27.36
N GLY B 97 -9.02 18.24 -27.18
CA GLY B 97 -8.36 19.37 -26.56
C GLY B 97 -8.60 19.45 -25.05
N LYS B 98 -9.28 18.45 -24.49
CA LYS B 98 -9.64 18.52 -23.08
C LYS B 98 -9.60 17.14 -22.44
N ILE B 99 -9.51 17.15 -21.11
CA ILE B 99 -9.43 15.95 -20.29
C ILE B 99 -10.75 15.77 -19.56
N GLY B 100 -11.51 14.75 -19.99
CA GLY B 100 -12.76 14.36 -19.36
C GLY B 100 -12.51 13.34 -18.27
N VAL B 101 -13.57 12.84 -17.65
CA VAL B 101 -13.48 12.04 -16.44
C VAL B 101 -12.62 10.80 -16.71
N ASP B 102 -13.03 10.01 -17.70
CA ASP B 102 -12.42 8.72 -17.96
C ASP B 102 -10.96 8.90 -18.38
N GLU B 103 -10.68 9.92 -19.19
CA GLU B 103 -9.32 10.21 -19.60
C GLU B 103 -8.44 10.44 -18.38
N PHE B 104 -9.05 10.92 -17.29
CA PHE B 104 -8.31 11.31 -16.09
C PHE B 104 -8.08 10.10 -15.18
N GLN B 105 -8.96 9.09 -15.27
CA GLN B 105 -8.82 7.86 -14.49
C GLN B 105 -7.77 7.00 -15.16
N ALA B 106 -7.75 7.06 -16.48
CA ALA B 106 -6.69 6.48 -17.30
C ALA B 106 -5.34 7.09 -16.95
N LEU B 107 -5.32 8.41 -16.71
CA LEU B 107 -4.09 9.15 -16.55
C LEU B 107 -3.43 8.87 -15.20
N VAL B 108 -4.25 8.58 -14.18
CA VAL B 108 -3.78 8.20 -12.85
C VAL B 108 -3.16 6.80 -12.91
N LYS B 109 -3.79 5.89 -13.65
CA LYS B 109 -3.34 4.50 -13.74
C LYS B 109 -2.42 4.32 -14.95
N ALA B 110 -1.14 4.66 -14.80
CA ALA B 110 -0.14 4.33 -15.81
C ALA B 110 0.19 2.83 -15.77
N GLY B 111 0.43 2.31 -14.55
CA GLY B 111 0.65 0.89 -14.29
C GLY B 111 -0.43 0.36 -13.36
N SER B 112 -0.82 -0.91 -13.54
CA SER B 112 -2.10 -1.39 -13.02
C SER B 112 -1.97 -1.97 -11.61
N SER B 113 -1.29 -1.23 -10.73
CA SER B 113 -0.94 -1.69 -9.40
C SER B 113 -1.26 -0.58 -8.40
N SER B 114 -1.69 -0.98 -7.19
CA SER B 114 -2.19 -0.01 -6.22
C SER B 114 -1.08 0.60 -5.37
N SER B 115 0.07 -0.09 -5.28
CA SER B 115 1.27 0.44 -4.61
C SER B 115 2.52 -0.06 -5.33
N LYS B 116 3.62 0.71 -5.24
CA LYS B 116 4.91 0.25 -5.73
C LYS B 116 5.35 -0.95 -4.89
N GLY B 117 4.92 -0.94 -3.62
CA GLY B 117 5.25 -2.01 -2.68
C GLY B 117 4.80 -3.37 -3.19
N GLU B 118 3.56 -3.44 -3.71
CA GLU B 118 2.97 -4.71 -4.10
C GLU B 118 3.81 -5.35 -5.19
N GLU B 119 4.53 -4.55 -5.98
CA GLU B 119 5.33 -5.08 -7.08
C GLU B 119 6.43 -6.00 -6.57
N LEU B 120 6.70 -6.02 -5.25
CA LEU B 120 7.80 -6.78 -4.68
C LEU B 120 7.40 -8.22 -4.37
N PHE B 121 6.09 -8.53 -4.38
CA PHE B 121 5.63 -9.84 -3.92
C PHE B 121 5.01 -10.63 -5.07
N THR B 122 5.35 -10.23 -6.30
CA THR B 122 4.84 -10.87 -7.51
C THR B 122 5.49 -12.23 -7.68
N GLY B 123 6.51 -12.55 -6.88
CA GLY B 123 7.11 -13.87 -6.92
C GLY B 123 7.41 -14.41 -5.53
N VAL B 124 8.10 -15.56 -5.48
CA VAL B 124 8.42 -16.21 -4.22
C VAL B 124 9.54 -15.42 -3.54
N VAL B 125 9.24 -14.85 -2.37
CA VAL B 125 10.20 -14.03 -1.65
C VAL B 125 10.72 -14.86 -0.49
N PRO B 126 12.04 -14.84 -0.21
CA PRO B 126 12.58 -15.53 0.95
C PRO B 126 12.36 -14.70 2.23
N ILE B 127 12.25 -15.39 3.36
CA ILE B 127 11.84 -14.80 4.61
C ILE B 127 12.82 -15.18 5.72
N LEU B 128 13.22 -14.17 6.50
CA LEU B 128 13.98 -14.38 7.72
C LEU B 128 13.19 -13.83 8.89
N VAL B 129 13.25 -14.52 10.04
CA VAL B 129 12.49 -14.13 11.21
C VAL B 129 13.40 -14.29 12.42
N GLU B 130 13.46 -13.24 13.24
CA GLU B 130 14.27 -13.27 14.45
C GLU B 130 13.39 -12.75 15.58
N LEU B 131 13.25 -13.53 16.66
CA LEU B 131 12.49 -13.16 17.83
C LEU B 131 13.35 -13.35 19.07
N ASP B 132 13.47 -12.28 19.87
CA ASP B 132 14.01 -12.35 21.20
C ASP B 132 12.86 -12.12 22.18
N GLY B 133 12.75 -13.01 23.18
CA GLY B 133 11.60 -12.99 24.06
C GLY B 133 11.98 -13.21 25.53
N ASP B 134 11.18 -12.62 26.44
CA ASP B 134 11.33 -12.82 27.88
C ASP B 134 9.95 -13.01 28.51
N VAL B 135 9.60 -14.24 28.88
CA VAL B 135 8.31 -14.54 29.49
C VAL B 135 8.54 -14.97 30.94
N ASN B 136 8.09 -14.12 31.89
CA ASN B 136 8.22 -14.40 33.31
C ASN B 136 9.66 -14.75 33.64
N GLY B 137 10.59 -13.99 33.07
CA GLY B 137 12.00 -14.15 33.37
C GLY B 137 12.70 -15.16 32.45
N HIS B 138 11.93 -16.02 31.79
CA HIS B 138 12.49 -17.00 30.88
C HIS B 138 12.81 -16.30 29.56
N LYS B 139 14.11 -16.19 29.27
CA LYS B 139 14.62 -15.54 28.07
C LYS B 139 14.87 -16.60 27.00
N PHE B 140 14.60 -16.27 25.74
CA PHE B 140 14.70 -17.25 24.67
C PHE B 140 14.81 -16.53 23.32
N SER B 141 15.34 -17.24 22.31
CA SER B 141 15.40 -16.72 20.97
C SER B 141 14.91 -17.75 19.97
N VAL B 142 14.32 -17.24 18.88
CA VAL B 142 13.80 -18.07 17.82
C VAL B 142 14.22 -17.47 16.47
N ARG B 143 14.78 -18.31 15.59
CA ARG B 143 15.04 -17.91 14.23
C ARG B 143 14.17 -18.75 13.30
N GLY B 144 13.66 -18.09 12.25
CA GLY B 144 12.85 -18.76 11.25
C GLY B 144 13.34 -18.40 9.86
N GLU B 145 13.33 -19.38 8.96
CA GLU B 145 13.63 -19.18 7.56
C GLU B 145 12.49 -19.79 6.75
N GLY B 146 12.10 -19.12 5.66
CA GLY B 146 11.15 -19.72 4.74
C GLY B 146 10.94 -18.86 3.50
N GLU B 147 9.82 -19.13 2.83
CA GLU B 147 9.49 -18.43 1.60
C GLU B 147 8.02 -18.04 1.63
N GLY B 148 7.72 -16.97 0.88
CA GLY B 148 6.40 -16.40 0.84
C GLY B 148 5.97 -16.10 -0.60
N ASP B 149 5.02 -16.89 -1.10
CA ASP B 149 4.40 -16.65 -2.39
C ASP B 149 3.10 -15.86 -2.15
N ALA B 150 3.16 -14.54 -2.28
CA ALA B 150 2.07 -13.68 -1.84
C ALA B 150 0.89 -13.71 -2.81
N THR B 151 1.12 -14.10 -4.06
CA THR B 151 0.04 -14.08 -5.02
C THR B 151 -0.90 -15.25 -4.72
N ASN B 152 -0.42 -16.28 -4.01
CA ASN B 152 -1.26 -17.40 -3.60
C ASN B 152 -1.53 -17.39 -2.10
N GLY B 153 -0.95 -16.41 -1.40
CA GLY B 153 -1.15 -16.24 0.03
C GLY B 153 -0.46 -17.33 0.85
N LYS B 154 0.56 -18.00 0.29
CA LYS B 154 1.15 -19.17 0.93
C LYS B 154 2.48 -18.81 1.59
N LEU B 155 2.69 -19.32 2.80
CA LEU B 155 3.96 -19.25 3.52
C LEU B 155 4.35 -20.66 3.93
N THR B 156 5.66 -20.92 3.97
CA THR B 156 6.21 -22.20 4.48
C THR B 156 7.47 -21.85 5.23
N LEU B 157 7.49 -21.97 6.57
CA LEU B 157 8.64 -21.54 7.34
C LEU B 157 9.02 -22.61 8.35
N LYS B 158 10.30 -22.62 8.73
CA LYS B 158 10.75 -23.41 9.86
C LYS B 158 11.37 -22.50 10.91
N PHE B 159 10.98 -22.68 12.16
CA PHE B 159 11.48 -21.90 13.27
C PHE B 159 12.20 -22.83 14.21
N ILE B 160 13.23 -22.28 14.86
CA ILE B 160 14.01 -23.01 15.83
C ILE B 160 14.24 -22.14 17.06
N CYS B 161 14.23 -22.77 18.24
CA CYS B 161 14.69 -22.09 19.44
C CYS B 161 16.20 -22.24 19.54
N THR B 162 16.90 -21.12 19.35
CA THR B 162 18.35 -21.14 19.32
C THR B 162 18.89 -21.20 20.75
N THR B 163 18.10 -20.75 21.73
CA THR B 163 18.55 -20.69 23.11
C THR B 163 18.38 -22.03 23.83
N GLY B 164 17.70 -23.01 23.20
CA GLY B 164 17.53 -24.32 23.83
C GLY B 164 16.09 -24.81 23.70
N LYS B 165 15.50 -25.23 24.83
CA LYS B 165 14.10 -25.65 24.85
C LYS B 165 13.23 -24.42 25.04
N LEU B 166 12.26 -24.24 24.14
CA LEU B 166 11.43 -23.06 24.16
C LEU B 166 10.50 -23.11 25.37
N PRO B 167 10.45 -22.06 26.22
CA PRO B 167 9.74 -22.12 27.51
C PRO B 167 8.23 -21.92 27.48
N VAL B 168 7.71 -21.44 26.35
CA VAL B 168 6.27 -21.37 26.14
C VAL B 168 5.94 -22.31 24.98
N PRO B 169 4.66 -22.72 24.79
CA PRO B 169 4.31 -23.63 23.71
C PRO B 169 4.36 -22.87 22.38
N TRP B 170 4.78 -23.58 21.33
CA TRP B 170 5.01 -22.96 20.03
C TRP B 170 3.79 -22.19 19.53
N PRO B 171 2.56 -22.71 19.65
CA PRO B 171 1.40 -21.98 19.15
C PRO B 171 1.26 -20.53 19.60
N THR B 172 1.75 -20.22 20.80
CA THR B 172 1.59 -18.86 21.34
C THR B 172 2.39 -17.86 20.51
N LEU B 173 3.43 -18.35 19.82
CA LEU B 173 4.32 -17.49 19.07
C LEU B 173 3.92 -17.40 17.59
N VAL B 174 3.00 -18.24 17.13
CA VAL B 174 2.69 -18.31 15.71
C VAL B 174 2.29 -16.92 15.21
N THR B 175 1.32 -16.30 15.89
CA THR B 175 0.83 -15.00 15.46
C THR B 175 1.97 -13.98 15.47
N THR B 176 2.81 -14.02 16.50
CA THR B 176 3.90 -13.04 16.62
C THR B 176 4.94 -13.31 15.54
N LEU B 177 5.23 -14.59 15.29
CA LEU B 177 6.27 -14.94 14.32
C LEU B 177 5.77 -14.67 12.89
N1 CRO B 178 4.57 -15.15 12.54
CA1 CRO B 178 3.95 -14.82 11.23
CB1 CRO B 178 3.78 -16.04 10.33
CG1 CRO B 178 4.59 -17.21 10.77
OG1 CRO B 178 2.43 -16.45 10.38
C1 CRO B 178 2.65 -14.10 11.43
N2 CRO B 178 1.42 -14.64 11.43
N3 CRO B 178 2.62 -12.73 11.67
C2 CRO B 178 1.31 -12.36 11.84
O2 CRO B 178 0.94 -11.22 12.07
CA2 CRO B 178 0.53 -13.62 11.81
CA3 CRO B 178 3.79 -11.86 11.82
C3 CRO B 178 4.19 -11.10 10.55
O3 CRO B 178 4.68 -9.93 10.64
CB2 CRO B 178 -0.80 -13.66 12.11
CG2 CRO B 178 -1.77 -14.74 12.22
CD1 CRO B 178 -1.40 -16.06 12.00
CD2 CRO B 178 -3.12 -14.52 12.54
CE1 CRO B 178 -2.30 -17.10 12.08
CE2 CRO B 178 -4.04 -15.56 12.64
CZ CRO B 178 -3.63 -16.87 12.42
OH CRO B 178 -4.45 -17.97 12.48
N VAL B 179 4.04 -11.77 9.40
CA VAL B 179 4.36 -11.22 8.04
C VAL B 179 3.09 -11.33 7.21
N LEU B 180 2.30 -10.25 7.17
CA LEU B 180 1.00 -10.26 6.50
C LEU B 180 1.14 -9.65 5.10
N CYS B 181 2.35 -9.19 4.77
CA CYS B 181 2.66 -8.77 3.43
C CYS B 181 2.26 -9.89 2.48
N PHE B 182 2.49 -11.15 2.91
CA PHE B 182 2.28 -12.30 2.05
C PHE B 182 0.83 -12.77 2.10
N SER B 183 -0.10 -11.86 2.37
CA SER B 183 -1.51 -12.17 2.29
C SER B 183 -1.96 -12.03 0.85
N ARG B 184 -2.83 -12.95 0.40
CA ARG B 184 -3.37 -12.89 -0.95
C ARG B 184 -4.50 -11.89 -0.97
N TYR B 185 -4.25 -10.69 -1.51
CA TYR B 185 -5.28 -9.67 -1.66
C TYR B 185 -5.86 -9.80 -3.06
N PRO B 186 -7.11 -10.26 -3.22
CA PRO B 186 -7.74 -10.34 -4.54
C PRO B 186 -7.63 -9.02 -5.28
N ASP B 187 -7.73 -9.08 -6.62
CA ASP B 187 -7.61 -7.91 -7.47
C ASP B 187 -8.56 -6.81 -7.00
N HIS B 188 -9.80 -7.19 -6.70
CA HIS B 188 -10.81 -6.22 -6.31
C HIS B 188 -10.48 -5.56 -4.97
N MET B 189 -9.40 -6.01 -4.30
CA MET B 189 -9.08 -5.51 -2.98
C MET B 189 -7.66 -4.95 -2.89
N LYS B 190 -6.92 -4.97 -4.00
CA LYS B 190 -5.51 -4.58 -4.00
C LYS B 190 -5.34 -3.17 -3.43
N ARG B 191 -6.41 -2.38 -3.44
CA ARG B 191 -6.35 -1.01 -2.97
C ARG B 191 -6.23 -0.95 -1.44
N HIS B 192 -6.27 -2.11 -0.76
CA HIS B 192 -6.41 -2.13 0.69
C HIS B 192 -5.24 -2.85 1.39
N ASP B 193 -4.24 -3.23 0.58
CA ASP B 193 -3.05 -3.97 1.11
C ASP B 193 -2.02 -2.99 1.65
N PHE B 194 -2.30 -2.39 2.79
CA PHE B 194 -1.40 -1.45 3.45
C PHE B 194 -0.03 -2.10 3.65
N PHE B 195 -0.04 -3.40 3.95
CA PHE B 195 1.17 -4.07 4.36
C PHE B 195 2.21 -3.99 3.25
N LYS B 196 1.83 -4.41 2.05
CA LYS B 196 2.73 -4.37 0.91
C LYS B 196 3.08 -2.92 0.60
N SER B 197 2.09 -2.03 0.71
CA SER B 197 2.26 -0.65 0.29
C SER B 197 3.35 0.05 1.09
N ALA B 198 3.64 -0.45 2.29
CA ALA B 198 4.65 0.17 3.14
C ALA B 198 6.05 -0.29 2.75
N MET B 199 6.13 -1.37 1.96
CA MET B 199 7.40 -1.92 1.54
C MET B 199 7.96 -1.06 0.42
N PRO B 200 9.30 -0.92 0.30
CA PRO B 200 10.27 -1.76 1.00
C PRO B 200 10.75 -1.22 2.34
N GLU B 201 10.54 0.08 2.60
CA GLU B 201 11.01 0.69 3.82
C GLU B 201 10.54 -0.16 5.01
N GLY B 202 9.28 -0.61 4.96
CA GLY B 202 8.77 -1.55 5.95
C GLY B 202 7.72 -0.93 6.85
N TYR B 203 7.33 -1.69 7.89
CA TYR B 203 6.31 -1.25 8.83
C TYR B 203 6.62 -1.85 10.19
N VAL B 204 6.06 -1.22 11.24
CA VAL B 204 6.18 -1.70 12.60
C VAL B 204 4.89 -2.37 13.02
N GLN B 205 5.01 -3.52 13.70
CA GLN B 205 3.86 -4.28 14.14
C GLN B 205 3.95 -4.48 15.64
N GLU B 206 3.27 -3.58 16.37
CA GLU B 206 3.09 -3.70 17.80
C GLU B 206 1.80 -4.46 18.09
N ARG B 207 1.78 -5.20 19.20
CA ARG B 207 0.61 -6.01 19.52
C ARG B 207 0.60 -6.36 21.01
N THR B 208 -0.59 -6.26 21.62
CA THR B 208 -0.83 -6.80 22.95
C THR B 208 -1.61 -8.11 22.79
N ILE B 209 -1.15 -9.17 23.46
CA ILE B 209 -1.84 -10.43 23.38
C ILE B 209 -2.17 -10.83 24.80
N SER B 210 -3.47 -10.77 25.12
CA SER B 210 -3.94 -11.14 26.42
C SER B 210 -4.52 -12.55 26.35
N PHE B 211 -3.94 -13.45 27.15
CA PHE B 211 -4.43 -14.81 27.29
C PHE B 211 -5.45 -14.85 28.42
N LYS B 212 -6.72 -15.10 28.06
CA LYS B 212 -7.81 -15.11 29.03
C LYS B 212 -7.42 -15.92 30.25
N ASP B 213 -7.48 -15.28 31.43
CA ASP B 213 -7.22 -15.91 32.72
C ASP B 213 -5.75 -16.29 32.88
N ASP B 214 -4.85 -15.65 32.11
CA ASP B 214 -3.41 -15.91 32.20
C ASP B 214 -2.68 -14.63 31.82
N GLY B 215 -1.37 -14.73 31.57
CA GLY B 215 -0.53 -13.55 31.32
C GLY B 215 -0.80 -12.87 29.99
N THR B 216 0.04 -11.88 29.66
CA THR B 216 -0.15 -11.09 28.43
C THR B 216 1.18 -10.90 27.72
N TYR B 217 1.18 -10.94 26.39
CA TYR B 217 2.38 -10.74 25.59
C TYR B 217 2.35 -9.33 25.01
N LYS B 218 3.48 -8.63 25.11
CA LYS B 218 3.66 -7.35 24.44
C LYS B 218 4.79 -7.50 23.40
N THR B 219 4.45 -7.33 22.11
CA THR B 219 5.38 -7.53 21.01
C THR B 219 5.51 -6.24 20.20
N ARG B 220 6.76 -5.92 19.84
CA ARG B 220 7.09 -4.88 18.87
C ARG B 220 7.98 -5.52 17.81
N ALA B 221 7.67 -5.26 16.53
CA ALA B 221 8.39 -5.89 15.43
C ALA B 221 8.63 -4.89 14.31
N GLU B 222 9.78 -5.04 13.63
CA GLU B 222 10.05 -4.36 12.39
C GLU B 222 10.02 -5.38 11.26
N VAL B 223 9.23 -5.07 10.23
CA VAL B 223 9.05 -5.91 9.06
C VAL B 223 9.46 -5.10 7.83
N LYS B 224 10.67 -5.35 7.34
CA LYS B 224 11.24 -4.58 6.25
C LYS B 224 11.95 -5.53 5.30
N PHE B 225 12.09 -5.10 4.04
CA PHE B 225 13.02 -5.74 3.12
C PHE B 225 14.43 -5.38 3.53
N GLU B 226 15.29 -6.40 3.69
CA GLU B 226 16.73 -6.21 3.77
C GLU B 226 17.32 -7.05 2.64
N GLY B 227 17.73 -6.36 1.58
CA GLY B 227 18.10 -7.00 0.33
C GLY B 227 16.87 -7.58 -0.35
N ASP B 228 17.00 -8.83 -0.78
CA ASP B 228 15.94 -9.54 -1.48
C ASP B 228 15.04 -10.24 -0.47
N THR B 229 15.43 -10.20 0.82
CA THR B 229 14.76 -10.97 1.84
C THR B 229 13.85 -10.08 2.67
N LEU B 230 12.71 -10.64 3.07
CA LEU B 230 11.80 -10.00 4.01
C LEU B 230 12.17 -10.45 5.42
N VAL B 231 12.35 -9.47 6.33
CA VAL B 231 12.86 -9.76 7.65
C VAL B 231 11.91 -9.24 8.71
N ASN B 232 11.49 -10.13 9.60
CA ASN B 232 10.65 -9.81 10.75
C ASN B 232 11.51 -9.92 12.00
N ARG B 233 11.92 -8.78 12.55
CA ARG B 233 12.67 -8.72 13.79
C ARG B 233 11.69 -8.35 14.89
N ILE B 234 11.74 -9.06 16.02
CA ILE B 234 10.70 -8.98 17.05
C ILE B 234 11.32 -9.03 18.44
N GLU B 235 10.86 -8.11 19.30
CA GLU B 235 11.06 -8.25 20.74
C GLU B 235 9.72 -8.56 21.38
N LEU B 236 9.74 -9.53 22.30
CA LEU B 236 8.54 -9.99 22.99
C LEU B 236 8.82 -10.04 24.49
N LYS B 237 8.00 -9.31 25.26
CA LYS B 237 7.99 -9.46 26.71
C LYS B 237 6.65 -10.08 27.10
N GLY B 238 6.71 -10.98 28.07
CA GLY B 238 5.53 -11.65 28.59
C GLY B 238 5.53 -11.58 30.11
N ILE B 239 4.40 -11.11 30.67
CA ILE B 239 4.28 -10.82 32.08
C ILE B 239 3.07 -11.53 32.65
N ASP B 240 3.15 -11.92 33.93
CA ASP B 240 2.02 -12.36 34.73
C ASP B 240 1.45 -13.67 34.19
N PHE B 241 2.30 -14.56 33.68
CA PHE B 241 1.82 -15.88 33.32
C PHE B 241 1.73 -16.72 34.59
N LYS B 242 0.70 -17.56 34.66
CA LYS B 242 0.59 -18.55 35.72
C LYS B 242 1.60 -19.64 35.46
N GLU B 243 2.33 -20.04 36.51
CA GLU B 243 3.45 -20.96 36.35
C GLU B 243 2.93 -22.35 36.00
N ASP B 244 1.76 -22.74 36.55
CA ASP B 244 1.09 -23.95 36.10
C ASP B 244 -0.14 -23.57 35.29
N GLY B 245 -0.05 -22.47 34.55
CA GLY B 245 -1.06 -22.07 33.59
C GLY B 245 -1.01 -22.94 32.32
N ASN B 246 -1.96 -22.71 31.41
CA ASN B 246 -1.97 -23.42 30.14
C ASN B 246 -0.68 -23.16 29.37
N ILE B 247 -0.18 -21.93 29.46
CA ILE B 247 0.95 -21.48 28.67
C ILE B 247 2.22 -22.05 29.29
N LEU B 248 2.54 -21.65 30.53
CA LEU B 248 3.81 -22.04 31.11
C LEU B 248 3.80 -23.51 31.52
N GLY B 249 2.62 -24.13 31.62
CA GLY B 249 2.52 -25.56 31.88
C GLY B 249 2.45 -26.41 30.61
N HIS B 250 2.74 -25.83 29.44
CA HIS B 250 2.69 -26.55 28.17
C HIS B 250 1.48 -27.49 28.12
N LYS B 251 0.29 -26.89 28.19
CA LYS B 251 -0.96 -27.65 28.17
C LYS B 251 -1.72 -27.41 26.86
N LEU B 252 -1.08 -26.74 25.89
CA LEU B 252 -1.73 -26.42 24.62
C LEU B 252 -1.40 -27.53 23.63
N GLU B 253 -2.37 -27.89 22.78
CA GLU B 253 -2.17 -28.87 21.74
C GLU B 253 -1.35 -28.24 20.62
N TYR B 254 -0.55 -29.07 19.93
CA TYR B 254 0.34 -28.60 18.87
C TYR B 254 -0.46 -28.49 17.59
N ASN B 255 -1.26 -27.43 17.48
CA ASN B 255 -2.02 -27.20 16.26
C ASN B 255 -2.43 -25.74 16.19
N PHE B 256 -3.23 -25.41 15.18
CA PHE B 256 -3.71 -24.05 15.05
C PHE B 256 -5.07 -24.10 14.36
N ASN B 257 -5.89 -23.08 14.64
CA ASN B 257 -7.23 -23.01 14.09
C ASN B 257 -7.22 -21.95 12.98
N SER B 258 -8.42 -21.67 12.47
CA SER B 258 -8.60 -20.67 11.45
C SER B 258 -9.19 -19.44 12.11
N HIS B 259 -8.70 -18.26 11.70
CA HIS B 259 -9.10 -17.03 12.33
C HIS B 259 -9.40 -15.99 11.26
N ASN B 260 -10.17 -14.97 11.63
CA ASN B 260 -10.27 -13.76 10.81
C ASN B 260 -9.58 -12.62 11.56
N VAL B 261 -8.63 -11.99 10.86
CA VAL B 261 -7.93 -10.82 11.36
C VAL B 261 -8.70 -9.61 10.83
N TYR B 262 -9.39 -8.91 11.75
CA TYR B 262 -10.17 -7.76 11.35
C TYR B 262 -9.27 -6.53 11.35
N ILE B 263 -9.20 -5.89 10.18
CA ILE B 263 -8.31 -4.77 9.94
C ILE B 263 -9.16 -3.52 9.74
N THR B 264 -8.68 -2.41 10.29
CA THR B 264 -9.32 -1.09 10.12
C THR B 264 -8.23 -0.05 9.99
N ALA B 265 -8.47 1.03 9.25
CA ALA B 265 -7.53 2.11 9.04
C ALA B 265 -7.35 2.91 10.32
N ASP B 266 -6.17 3.51 10.49
CA ASP B 266 -5.90 4.42 11.59
C ASP B 266 -5.32 5.70 11.00
N LYS B 267 -6.20 6.67 10.71
CA LYS B 267 -5.77 7.90 10.10
C LYS B 267 -4.87 8.68 11.05
N GLN B 268 -5.06 8.50 12.36
CA GLN B 268 -4.29 9.22 13.38
C GLN B 268 -2.80 8.85 13.34
N LYS B 269 -2.47 7.58 13.03
CA LYS B 269 -1.08 7.14 13.06
C LYS B 269 -0.62 6.73 11.65
N ASN B 270 -1.41 7.10 10.64
CA ASN B 270 -1.13 6.80 9.24
C ASN B 270 -0.84 5.33 9.02
N GLY B 271 -1.61 4.45 9.67
CA GLY B 271 -1.43 3.02 9.50
C GLY B 271 -2.77 2.30 9.64
N ILE B 272 -2.74 1.19 10.38
CA ILE B 272 -3.90 0.34 10.56
C ILE B 272 -3.88 -0.20 12.00
N LYS B 273 -5.07 -0.57 12.47
CA LYS B 273 -5.20 -1.34 13.68
C LYS B 273 -5.89 -2.64 13.30
N ALA B 274 -5.80 -3.64 14.19
CA ALA B 274 -6.46 -4.91 13.93
C ALA B 274 -6.66 -5.67 15.23
N TYR B 275 -7.82 -6.33 15.32
CA TYR B 275 -8.18 -7.17 16.44
C TYR B 275 -8.57 -8.53 15.91
N PHE B 276 -8.27 -9.58 16.69
CA PHE B 276 -8.80 -10.91 16.46
C PHE B 276 -8.62 -11.72 17.74
N LYS B 277 -9.30 -12.87 17.82
CA LYS B 277 -9.27 -13.68 19.03
C LYS B 277 -8.83 -15.10 18.67
N ILE B 278 -7.61 -15.45 19.04
CA ILE B 278 -7.06 -16.77 18.74
C ILE B 278 -7.70 -17.78 19.69
N ARG B 279 -8.15 -18.91 19.12
CA ARG B 279 -8.60 -20.04 19.91
C ARG B 279 -7.50 -21.11 19.89
N HIS B 280 -6.80 -21.25 21.03
CA HIS B 280 -5.81 -22.29 21.24
C HIS B 280 -6.45 -23.50 21.90
N ASN B 281 -6.54 -24.61 21.17
CA ASN B 281 -6.99 -25.87 21.75
C ASN B 281 -6.07 -26.30 22.88
N VAL B 282 -6.68 -26.84 23.95
CA VAL B 282 -6.02 -27.27 25.17
C VAL B 282 -6.12 -28.80 25.29
N GLU B 283 -5.12 -29.42 25.93
CA GLU B 283 -5.04 -30.87 26.06
C GLU B 283 -6.31 -31.46 26.66
N ASP B 284 -6.92 -30.73 27.60
CA ASP B 284 -8.03 -31.25 28.37
C ASP B 284 -9.36 -31.10 27.63
N GLY B 285 -9.33 -30.55 26.41
CA GLY B 285 -10.52 -30.37 25.62
C GLY B 285 -11.09 -28.96 25.74
N SER B 286 -10.53 -28.14 26.67
CA SER B 286 -10.93 -26.76 26.81
C SER B 286 -10.29 -25.94 25.68
N VAL B 287 -10.52 -24.62 25.75
CA VAL B 287 -9.93 -23.69 24.80
C VAL B 287 -9.26 -22.56 25.59
N GLN B 288 -8.03 -22.24 25.20
CA GLN B 288 -7.36 -21.06 25.72
C GLN B 288 -7.59 -19.91 24.75
N LEU B 289 -8.16 -18.81 25.23
CA LEU B 289 -8.39 -17.68 24.35
C LEU B 289 -7.21 -16.72 24.46
N ALA B 290 -7.01 -15.95 23.38
CA ALA B 290 -5.97 -14.93 23.32
C ALA B 290 -6.42 -13.81 22.40
N ASP B 291 -6.85 -12.71 23.03
CA ASP B 291 -7.20 -11.49 22.34
C ASP B 291 -5.93 -10.83 21.82
N HIS B 292 -5.95 -10.51 20.52
CA HIS B 292 -4.84 -9.84 19.89
C HIS B 292 -5.28 -8.41 19.59
N TYR B 293 -4.57 -7.43 20.16
CA TYR B 293 -4.76 -6.03 19.81
C TYR B 293 -3.51 -5.57 19.09
N GLN B 294 -3.67 -5.09 17.84
CA GLN B 294 -2.56 -4.87 16.94
C GLN B 294 -2.59 -3.46 16.33
N GLN B 295 -1.41 -2.85 16.20
CA GLN B 295 -1.26 -1.65 15.39
C GLN B 295 -0.06 -1.79 14.45
N ASN B 296 -0.23 -1.30 13.23
CA ASN B 296 0.85 -1.28 12.26
C ASN B 296 1.05 0.17 11.81
N THR B 297 2.29 0.67 11.97
CA THR B 297 2.65 2.00 11.54
C THR B 297 3.82 1.91 10.55
N PRO B 298 3.82 2.70 9.46
CA PRO B 298 4.88 2.61 8.44
C PRO B 298 6.22 3.15 8.91
N ILE B 299 7.29 2.45 8.55
CA ILE B 299 8.65 2.94 8.82
C ILE B 299 8.96 4.06 7.83
N GLY B 300 8.53 3.86 6.58
CA GLY B 300 8.86 4.79 5.50
C GLY B 300 8.16 6.15 5.67
N ASP B 301 8.59 7.11 4.85
CA ASP B 301 7.85 8.35 4.65
C ASP B 301 6.94 8.21 3.44
N GLY B 302 7.00 7.05 2.76
CA GLY B 302 6.32 6.88 1.49
C GLY B 302 4.81 6.95 1.66
N PRO B 303 4.05 7.16 0.55
CA PRO B 303 2.60 7.04 0.60
C PRO B 303 2.20 5.60 0.91
N VAL B 304 1.10 5.44 1.65
CA VAL B 304 0.65 4.14 2.11
C VAL B 304 -0.85 4.01 1.85
N LEU B 305 -1.32 2.78 1.61
CA LEU B 305 -2.72 2.51 1.36
C LEU B 305 -3.47 2.33 2.69
N LEU B 306 -4.05 3.42 3.20
CA LEU B 306 -4.92 3.27 4.40
C LEU B 306 -6.15 2.52 3.89
N PRO B 307 -6.45 1.28 4.36
CA PRO B 307 -7.54 0.51 3.78
C PRO B 307 -8.93 0.60 4.40
N ASP B 308 -9.94 0.24 3.60
CA ASP B 308 -11.32 0.19 4.13
C ASP B 308 -11.41 -1.08 4.99
N ASN B 309 -12.43 -1.17 5.84
CA ASN B 309 -12.50 -2.31 6.74
C ASN B 309 -12.65 -3.60 5.96
N HIS B 310 -11.86 -4.60 6.36
CA HIS B 310 -11.88 -5.91 5.76
C HIS B 310 -11.24 -6.87 6.74
N TYR B 311 -11.11 -8.14 6.33
CA TYR B 311 -10.43 -9.10 7.18
C TYR B 311 -9.58 -10.06 6.36
N LEU B 312 -8.73 -10.77 7.09
CA LEU B 312 -7.86 -11.80 6.54
C LEU B 312 -8.31 -13.14 7.12
N SER B 313 -8.72 -14.05 6.23
CA SER B 313 -8.97 -15.44 6.61
C SER B 313 -7.62 -16.14 6.70
N THR B 314 -7.20 -16.47 7.93
CA THR B 314 -5.92 -17.15 8.11
C THR B 314 -6.20 -18.63 8.36
N GLN B 315 -5.29 -19.45 7.83
CA GLN B 315 -5.25 -20.87 8.12
C GLN B 315 -3.79 -21.28 8.23
N SER B 316 -3.51 -22.24 9.10
CA SER B 316 -2.14 -22.62 9.36
C SER B 316 -2.08 -24.09 9.78
N VAL B 317 -0.94 -24.73 9.50
CA VAL B 317 -0.70 -26.10 9.88
C VAL B 317 0.65 -26.18 10.56
N LEU B 318 0.71 -26.85 11.71
CA LEU B 318 1.92 -26.98 12.50
C LEU B 318 2.46 -28.40 12.38
N SER B 319 3.75 -28.52 12.08
CA SER B 319 4.34 -29.83 11.89
C SER B 319 5.79 -29.83 12.37
N LYS B 320 6.39 -31.02 12.35
CA LYS B 320 7.76 -31.18 12.80
C LYS B 320 8.62 -31.73 11.67
N ASP B 321 9.85 -31.24 11.58
CA ASP B 321 10.87 -31.89 10.78
C ASP B 321 11.37 -33.11 11.52
N PRO B 322 11.20 -34.34 10.98
CA PRO B 322 11.45 -35.55 11.75
C PRO B 322 12.93 -35.81 12.01
N ASN B 323 13.81 -35.05 11.34
CA ASN B 323 15.24 -35.19 11.55
C ASN B 323 15.76 -34.14 12.53
N GLU B 324 14.94 -33.13 12.86
CA GLU B 324 15.41 -32.00 13.63
C GLU B 324 15.40 -32.35 15.12
N LYS B 325 16.54 -32.14 15.79
CA LYS B 325 16.68 -32.46 17.20
C LYS B 325 16.42 -31.23 18.06
N ARG B 326 16.53 -30.02 17.48
CA ARG B 326 16.29 -28.80 18.23
C ARG B 326 14.79 -28.58 18.37
N ASP B 327 14.41 -27.87 19.44
CA ASP B 327 13.02 -27.49 19.62
C ASP B 327 12.66 -26.56 18.46
N HIS B 328 11.68 -26.97 17.66
CA HIS B 328 11.38 -26.26 16.43
C HIS B 328 9.92 -26.41 16.08
N MET B 329 9.50 -25.63 15.07
CA MET B 329 8.15 -25.68 14.56
C MET B 329 8.19 -25.42 13.05
N VAL B 330 7.56 -26.32 12.29
CA VAL B 330 7.37 -26.09 10.87
C VAL B 330 5.95 -25.57 10.65
N LEU B 331 5.85 -24.54 9.82
CA LEU B 331 4.61 -23.81 9.65
C LEU B 331 4.26 -23.73 8.18
N LEU B 332 2.99 -24.01 7.86
CA LEU B 332 2.46 -23.74 6.54
C LEU B 332 1.19 -22.92 6.73
N GLU B 333 1.20 -21.67 6.24
CA GLU B 333 0.08 -20.76 6.38
C GLU B 333 -0.56 -20.47 5.03
N ASP B 334 -1.84 -20.06 5.05
CA ASP B 334 -2.55 -19.59 3.88
C ASP B 334 -3.47 -18.45 4.28
N VAL B 335 -3.09 -17.21 3.94
CA VAL B 335 -3.83 -16.02 4.31
C VAL B 335 -4.44 -15.38 3.08
N THR B 336 -5.76 -15.17 3.08
CA THR B 336 -6.45 -14.49 1.99
C THR B 336 -7.33 -13.37 2.54
N ALA B 337 -7.41 -12.27 1.80
CA ALA B 337 -8.23 -11.15 2.17
C ALA B 337 -9.66 -11.36 1.69
N ALA B 338 -10.60 -10.75 2.42
CA ALA B 338 -12.01 -10.74 2.07
C ALA B 338 -12.69 -9.64 2.86
N GLY B 339 -14.00 -9.43 2.60
CA GLY B 339 -14.80 -8.45 3.32
C GLY B 339 -15.30 -7.32 2.42
N ILE B 340 -14.87 -7.29 1.16
CA ILE B 340 -15.27 -6.25 0.20
C ILE B 340 -15.60 -6.94 -1.12
N THR B 341 -16.71 -6.55 -1.75
CA THR B 341 -17.11 -7.13 -3.03
C THR B 341 -17.48 -6.02 -4.01
N HIS B 342 -17.01 -4.79 -3.76
CA HIS B 342 -17.40 -3.64 -4.55
C HIS B 342 -16.97 -3.84 -6.01
N GLY B 343 -16.01 -4.76 -6.26
CA GLY B 343 -15.55 -5.06 -7.61
C GLY B 343 -15.97 -6.45 -8.08
N SER C 115 24.41 39.01 6.44
CA SER C 115 25.49 39.58 5.59
C SER C 115 25.64 41.07 5.88
N LYS C 116 26.82 41.63 5.59
CA LYS C 116 27.03 43.07 5.61
C LYS C 116 26.14 43.70 4.53
N GLY C 117 25.89 42.95 3.46
CA GLY C 117 25.04 43.37 2.36
C GLY C 117 23.66 43.84 2.83
N GLU C 118 23.02 43.07 3.71
CA GLU C 118 21.66 43.37 4.11
C GLU C 118 21.61 44.75 4.79
N GLU C 119 22.72 45.14 5.44
CA GLU C 119 22.77 46.41 6.15
C GLU C 119 22.53 47.60 5.21
N LEU C 120 22.63 47.37 3.88
CA LEU C 120 22.57 48.45 2.91
C LEU C 120 21.12 48.80 2.53
N PHE C 121 20.14 47.99 2.93
CA PHE C 121 18.78 48.20 2.45
C PHE C 121 17.85 48.68 3.57
N THR C 122 18.43 48.94 4.76
CA THR C 122 17.66 49.41 5.89
C THR C 122 17.22 50.85 5.65
N GLY C 123 17.84 51.52 4.67
CA GLY C 123 17.43 52.86 4.27
C GLY C 123 16.48 52.82 3.07
N VAL C 124 16.07 54.02 2.66
CA VAL C 124 15.54 54.24 1.32
C VAL C 124 16.74 54.39 0.39
N VAL C 125 16.88 53.48 -0.57
CA VAL C 125 18.02 53.47 -1.48
C VAL C 125 17.57 54.04 -2.83
N PRO C 126 18.38 54.88 -3.49
CA PRO C 126 18.06 55.36 -4.83
C PRO C 126 18.37 54.31 -5.89
N ILE C 127 17.62 54.36 -7.00
CA ILE C 127 17.62 53.32 -8.01
C ILE C 127 17.79 53.94 -9.40
N LEU C 128 18.71 53.37 -10.18
CA LEU C 128 18.84 53.70 -11.59
C LEU C 128 18.60 52.43 -12.41
N VAL C 129 17.93 52.57 -13.55
CA VAL C 129 17.66 51.45 -14.42
C VAL C 129 17.91 51.90 -15.87
N GLU C 130 18.73 51.14 -16.58
CA GLU C 130 19.00 51.38 -17.99
C GLU C 130 18.76 50.10 -18.76
N LEU C 131 17.93 50.18 -19.81
CA LEU C 131 17.59 49.05 -20.65
C LEU C 131 17.81 49.42 -22.11
N ASP C 132 18.64 48.63 -22.80
CA ASP C 132 18.73 48.64 -24.25
C ASP C 132 18.08 47.37 -24.77
N GLY C 133 17.18 47.51 -25.75
CA GLY C 133 16.39 46.38 -26.20
C GLY C 133 16.21 46.35 -27.71
N ASP C 134 16.20 45.13 -28.28
CA ASP C 134 15.90 44.90 -29.69
C ASP C 134 14.82 43.82 -29.81
N VAL C 135 13.61 44.24 -30.18
CA VAL C 135 12.49 43.31 -30.34
C VAL C 135 12.11 43.24 -31.82
N ASN C 136 12.36 42.09 -32.46
CA ASN C 136 12.12 41.90 -33.88
C ASN C 136 12.72 43.05 -34.68
N GLY C 137 13.89 43.53 -34.23
CA GLY C 137 14.62 44.58 -34.94
C GLY C 137 14.17 45.98 -34.57
N HIS C 138 13.05 46.15 -33.85
CA HIS C 138 12.79 47.42 -33.18
C HIS C 138 13.84 47.61 -32.08
N LYS C 139 14.67 48.65 -32.19
CA LYS C 139 15.61 49.03 -31.15
C LYS C 139 14.98 50.12 -30.29
N PHE C 140 15.27 50.09 -28.98
CA PHE C 140 14.74 51.09 -28.07
C PHE C 140 15.55 51.13 -26.79
N SER C 141 15.45 52.25 -26.07
CA SER C 141 16.12 52.39 -24.78
C SER C 141 15.15 52.97 -23.76
N VAL C 142 15.36 52.59 -22.50
CA VAL C 142 14.54 53.03 -21.40
C VAL C 142 15.44 53.35 -20.21
N ARG C 143 15.26 54.54 -19.62
CA ARG C 143 15.96 54.91 -18.39
C ARG C 143 14.92 55.15 -17.30
N GLY C 144 15.18 54.60 -16.11
CA GLY C 144 14.32 54.76 -14.96
C GLY C 144 15.09 55.23 -13.74
N GLU C 145 14.51 56.18 -12.99
CA GLU C 145 15.06 56.65 -11.73
C GLU C 145 14.00 56.49 -10.66
N GLY C 146 14.41 56.18 -9.42
CA GLY C 146 13.48 56.11 -8.31
C GLY C 146 14.15 55.64 -7.03
N GLU C 147 13.33 55.23 -6.05
CA GLU C 147 13.82 54.87 -4.73
C GLU C 147 13.17 53.57 -4.27
N GLY C 148 13.88 52.88 -3.37
CA GLY C 148 13.50 51.56 -2.91
C GLY C 148 13.64 51.43 -1.39
N ASP C 149 12.49 51.31 -0.72
CA ASP C 149 12.44 51.04 0.71
C ASP C 149 12.27 49.54 0.91
N ALA C 150 13.38 48.84 1.15
CA ALA C 150 13.40 47.38 1.08
C ALA C 150 12.75 46.76 2.32
N THR C 151 12.69 47.50 3.42
CA THR C 151 12.16 46.94 4.64
C THR C 151 10.64 46.81 4.50
N ASN C 152 10.03 47.60 3.58
CA ASN C 152 8.60 47.50 3.32
C ASN C 152 8.31 46.86 1.96
N GLY C 153 9.38 46.57 1.21
CA GLY C 153 9.25 45.95 -0.10
C GLY C 153 8.67 46.90 -1.16
N LYS C 154 8.81 48.22 -0.95
CA LYS C 154 8.17 49.20 -1.82
C LYS C 154 9.19 49.82 -2.78
N LEU C 155 8.79 49.97 -4.05
CA LEU C 155 9.57 50.64 -5.07
C LEU C 155 8.70 51.72 -5.71
N THR C 156 9.30 52.87 -6.03
CA THR C 156 8.62 53.96 -6.72
C THR C 156 9.58 54.51 -7.77
N LEU C 157 9.36 54.16 -9.04
CA LEU C 157 10.26 54.55 -10.11
C LEU C 157 9.50 55.18 -11.27
N LYS C 158 10.20 55.99 -12.06
CA LYS C 158 9.67 56.52 -13.30
C LYS C 158 10.59 56.13 -14.45
N PHE C 159 10.02 55.56 -15.50
CA PHE C 159 10.78 55.11 -16.66
C PHE C 159 10.38 55.93 -17.86
N ILE C 160 11.35 56.15 -18.76
CA ILE C 160 11.12 56.88 -19.98
C ILE C 160 11.75 56.11 -21.14
N CYS C 161 11.07 56.10 -22.29
CA CYS C 161 11.68 55.64 -23.51
C CYS C 161 12.46 56.79 -24.13
N THR C 162 13.78 56.67 -24.11
CA THR C 162 14.63 57.75 -24.55
C THR C 162 14.68 57.76 -26.08
N THR C 163 14.42 56.61 -26.71
CA THR C 163 14.53 56.48 -28.15
C THR C 163 13.26 56.95 -28.87
N GLY C 164 12.18 57.23 -28.12
CA GLY C 164 10.96 57.74 -28.73
C GLY C 164 9.72 57.07 -28.16
N LYS C 165 8.81 56.61 -29.04
CA LYS C 165 7.65 55.83 -28.62
C LYS C 165 8.09 54.37 -28.48
N LEU C 166 7.81 53.78 -27.31
CA LEU C 166 8.27 52.43 -27.01
C LEU C 166 7.51 51.42 -27.86
N PRO C 167 8.20 50.51 -28.58
CA PRO C 167 7.56 49.64 -29.57
C PRO C 167 6.86 48.38 -29.06
N VAL C 168 7.08 48.05 -27.79
CA VAL C 168 6.31 47.01 -27.14
C VAL C 168 5.53 47.68 -26.01
N PRO C 169 4.45 47.08 -25.46
CA PRO C 169 3.68 47.73 -24.39
C PRO C 169 4.48 47.64 -23.09
N TRP C 170 4.36 48.70 -22.27
CA TRP C 170 5.18 48.85 -21.07
C TRP C 170 5.08 47.63 -20.15
N PRO C 171 3.89 47.03 -19.92
CA PRO C 171 3.80 45.86 -19.05
C PRO C 171 4.80 44.72 -19.31
N THR C 172 5.18 44.54 -20.59
CA THR C 172 6.04 43.43 -20.95
C THR C 172 7.42 43.62 -20.34
N LEU C 173 7.78 44.87 -20.02
CA LEU C 173 9.10 45.19 -19.52
C LEU C 173 9.13 45.23 -17.99
N VAL C 174 7.95 45.20 -17.32
CA VAL C 174 7.92 45.45 -15.89
C VAL C 174 8.85 44.46 -15.18
N THR C 175 8.67 43.17 -15.47
CA THR C 175 9.50 42.13 -14.83
C THR C 175 10.96 42.45 -15.07
N THR C 176 11.33 42.74 -16.31
CA THR C 176 12.75 42.99 -16.62
C THR C 176 13.17 44.23 -15.86
N LEU C 177 12.37 45.28 -15.93
CA LEU C 177 12.64 46.53 -15.21
C LEU C 177 12.61 46.43 -13.65
N1 CRO C 178 11.57 46.01 -12.87
CA1 CRO C 178 11.95 45.32 -11.59
CB1 CRO C 178 11.75 46.24 -10.37
CG1 CRO C 178 11.25 47.63 -10.72
OG1 CRO C 178 10.98 45.62 -9.34
C1 CRO C 178 11.65 43.85 -11.34
N2 CRO C 178 10.55 43.22 -10.92
N3 CRO C 178 12.72 42.98 -11.49
C2 CRO C 178 12.27 41.69 -11.32
O2 CRO C 178 12.96 40.69 -11.49
CA2 CRO C 178 10.83 41.84 -11.06
CA3 CRO C 178 14.07 43.35 -11.89
C3 CRO C 178 15.05 43.56 -10.74
O3 CRO C 178 16.09 42.86 -10.75
CB2 CRO C 178 9.99 40.79 -11.03
CG2 CRO C 178 8.54 40.76 -10.94
CD1 CRO C 178 7.82 41.94 -10.77
CD2 CRO C 178 7.81 39.57 -11.07
CE1 CRO C 178 6.44 41.95 -10.68
CE2 CRO C 178 6.44 39.57 -10.98
CZ CRO C 178 5.74 40.76 -10.79
OH CRO C 178 4.36 40.79 -10.70
N VAL C 179 14.74 44.49 -9.82
CA VAL C 179 15.46 44.69 -8.53
C VAL C 179 14.67 43.97 -7.44
N LEU C 180 15.11 42.74 -7.11
CA LEU C 180 14.42 41.93 -6.13
C LEU C 180 15.12 42.06 -4.78
N CYS C 181 16.34 42.60 -4.79
CA CYS C 181 17.02 42.93 -3.54
C CYS C 181 16.07 43.74 -2.65
N PHE C 182 15.21 44.56 -3.27
CA PHE C 182 14.25 45.37 -2.53
C PHE C 182 12.99 44.59 -2.16
N SER C 183 13.07 43.27 -1.99
CA SER C 183 11.95 42.52 -1.47
C SER C 183 11.96 42.58 0.05
N ARG C 184 10.78 42.70 0.66
CA ARG C 184 10.67 42.63 2.12
C ARG C 184 10.73 41.16 2.54
N TYR C 185 11.88 40.75 3.07
CA TYR C 185 12.07 39.42 3.62
C TYR C 185 11.76 39.45 5.11
N PRO C 186 10.65 38.85 5.58
CA PRO C 186 10.36 38.79 7.01
C PRO C 186 11.56 38.30 7.80
N ASP C 187 11.63 38.73 9.06
CA ASP C 187 12.78 38.35 9.92
C ASP C 187 12.95 36.84 9.90
N HIS C 188 11.86 36.09 10.01
CA HIS C 188 11.99 34.64 10.10
C HIS C 188 12.61 34.06 8.83
N MET C 189 12.82 34.89 7.79
CA MET C 189 13.30 34.39 6.51
C MET C 189 14.59 35.09 6.05
N LYS C 190 15.13 35.99 6.89
CA LYS C 190 16.26 36.80 6.50
C LYS C 190 17.44 35.93 6.05
N ARG C 191 17.45 34.66 6.45
CA ARG C 191 18.52 33.75 6.10
C ARG C 191 18.49 33.38 4.61
N HIS C 192 17.46 33.84 3.87
CA HIS C 192 17.19 33.34 2.52
C HIS C 192 17.22 34.45 1.47
N ASP C 193 17.62 35.65 1.88
CA ASP C 193 17.64 36.83 0.96
C ASP C 193 18.96 36.87 0.19
N PHE C 194 19.14 35.94 -0.75
CA PHE C 194 20.34 35.85 -1.56
C PHE C 194 20.67 37.19 -2.20
N PHE C 195 19.62 37.87 -2.65
CA PHE C 195 19.76 39.09 -3.42
C PHE C 195 20.60 40.12 -2.66
N LYS C 196 20.17 40.42 -1.43
CA LYS C 196 20.88 41.40 -0.62
C LYS C 196 22.28 40.88 -0.30
N SER C 197 22.37 39.57 -0.03
CA SER C 197 23.60 38.98 0.46
C SER C 197 24.72 39.12 -0.58
N ALA C 198 24.36 39.28 -1.85
CA ALA C 198 25.35 39.38 -2.92
C ALA C 198 25.88 40.81 -3.04
N MET C 199 25.19 41.76 -2.41
CA MET C 199 25.60 43.16 -2.46
C MET C 199 26.79 43.38 -1.54
N PRO C 200 27.70 44.32 -1.85
CA PRO C 200 27.50 45.32 -2.90
C PRO C 200 28.01 44.91 -4.28
N GLU C 201 28.93 43.94 -4.33
CA GLU C 201 29.50 43.45 -5.57
C GLU C 201 28.40 43.31 -6.62
N GLY C 202 27.26 42.73 -6.20
CA GLY C 202 26.08 42.64 -7.03
C GLY C 202 25.83 41.21 -7.52
N TYR C 203 24.87 41.10 -8.46
CA TYR C 203 24.50 39.81 -9.02
C TYR C 203 24.02 40.01 -10.46
N VAL C 204 24.06 38.93 -11.25
CA VAL C 204 23.58 38.93 -12.62
C VAL C 204 22.23 38.24 -12.68
N GLN C 205 21.29 38.83 -13.43
CA GLN C 205 19.93 38.33 -13.53
C GLN C 205 19.61 38.08 -15.00
N GLU C 206 19.80 36.83 -15.42
CA GLU C 206 19.44 36.35 -16.74
C GLU C 206 18.03 35.77 -16.70
N ARG C 207 17.31 35.87 -17.82
CA ARG C 207 15.93 35.40 -17.86
C ARG C 207 15.50 35.11 -19.29
N THR C 208 14.68 34.05 -19.44
CA THR C 208 14.07 33.73 -20.74
C THR C 208 12.57 33.85 -20.55
N ILE C 209 11.90 34.73 -21.29
CA ILE C 209 10.48 34.99 -21.09
C ILE C 209 9.77 34.53 -22.35
N SER C 210 9.02 33.43 -22.23
CA SER C 210 8.25 32.92 -23.35
C SER C 210 6.79 33.37 -23.21
N PHE C 211 6.33 34.12 -24.23
CA PHE C 211 4.95 34.57 -24.30
C PHE C 211 4.12 33.53 -25.05
N LYS C 212 3.19 32.89 -24.33
CA LYS C 212 2.38 31.82 -24.91
C LYS C 212 1.81 32.27 -26.25
N ASP C 213 2.11 31.49 -27.31
CA ASP C 213 1.60 31.72 -28.65
C ASP C 213 2.17 33.00 -29.28
N ASP C 214 3.33 33.46 -28.79
CA ASP C 214 3.99 34.66 -29.31
C ASP C 214 5.49 34.50 -29.11
N GLY C 215 6.25 35.59 -29.26
CA GLY C 215 7.70 35.54 -29.22
C GLY C 215 8.27 35.31 -27.83
N THR C 216 9.58 35.58 -27.70
CA THR C 216 10.29 35.32 -26.43
C THR C 216 11.31 36.41 -26.15
N TYR C 217 11.40 36.88 -24.91
CA TYR C 217 12.37 37.87 -24.48
C TYR C 217 13.53 37.14 -23.79
N LYS C 218 14.75 37.52 -24.17
CA LYS C 218 15.95 37.07 -23.47
C LYS C 218 16.64 38.30 -22.87
N THR C 219 16.77 38.31 -21.53
CA THR C 219 17.34 39.42 -20.80
C THR C 219 18.58 38.96 -20.01
N ARG C 220 19.63 39.80 -20.05
CA ARG C 220 20.75 39.71 -19.13
C ARG C 220 20.90 41.06 -18.44
N ALA C 221 21.08 41.04 -17.11
CA ALA C 221 21.15 42.26 -16.33
C ALA C 221 22.22 42.17 -15.25
N GLU C 222 22.86 43.31 -14.96
CA GLU C 222 23.73 43.44 -13.80
C GLU C 222 23.05 44.36 -12.79
N VAL C 223 23.00 43.87 -11.55
CA VAL C 223 22.39 44.57 -10.43
C VAL C 223 23.44 44.74 -9.34
N LYS C 224 24.05 45.93 -9.30
CA LYS C 224 25.14 46.21 -8.38
C LYS C 224 24.97 47.61 -7.82
N PHE C 225 25.61 47.88 -6.68
CA PHE C 225 25.77 49.23 -6.20
C PHE C 225 26.82 49.92 -7.06
N GLU C 226 26.48 51.12 -7.53
CA GLU C 226 27.45 52.07 -8.06
C GLU C 226 27.32 53.34 -7.22
N GLY C 227 28.25 53.52 -6.29
CA GLY C 227 28.20 54.62 -5.35
C GLY C 227 27.07 54.42 -4.34
N ASP C 228 26.23 55.44 -4.17
CA ASP C 228 25.12 55.36 -3.19
C ASP C 228 23.86 54.84 -3.90
N THR C 229 23.97 54.50 -5.19
CA THR C 229 22.80 54.09 -5.94
C THR C 229 22.88 52.61 -6.31
N LEU C 230 21.72 51.95 -6.27
CA LEU C 230 21.56 50.59 -6.76
C LEU C 230 21.12 50.65 -8.22
N VAL C 231 21.83 49.92 -9.09
CA VAL C 231 21.66 50.10 -10.53
C VAL C 231 21.33 48.76 -11.19
N ASN C 232 20.25 48.75 -11.99
CA ASN C 232 19.89 47.60 -12.81
C ASN C 232 20.17 47.95 -14.27
N ARG C 233 21.26 47.42 -14.83
CA ARG C 233 21.62 47.63 -16.22
C ARG C 233 21.26 46.37 -16.98
N ILE C 234 20.56 46.50 -18.12
CA ILE C 234 19.90 45.39 -18.80
C ILE C 234 20.07 45.47 -20.31
N GLU C 235 20.38 44.32 -20.94
CA GLU C 235 20.21 44.14 -22.38
C GLU C 235 19.05 43.18 -22.61
N LEU C 236 18.18 43.49 -23.57
CA LEU C 236 17.03 42.66 -23.91
C LEU C 236 16.98 42.44 -25.43
N LYS C 237 16.94 41.17 -25.85
CA LYS C 237 16.61 40.84 -27.23
C LYS C 237 15.29 40.07 -27.23
N GLY C 238 14.46 40.31 -28.25
CA GLY C 238 13.19 39.64 -28.43
C GLY C 238 13.07 39.08 -29.84
N ILE C 239 12.68 37.81 -29.94
CA ILE C 239 12.67 37.08 -31.21
C ILE C 239 11.28 36.49 -31.44
N ASP C 240 10.87 36.43 -32.71
CA ASP C 240 9.72 35.66 -33.16
C ASP C 240 8.42 36.21 -32.57
N PHE C 241 8.31 37.53 -32.41
CA PHE C 241 7.03 38.10 -32.00
C PHE C 241 6.11 38.16 -33.22
N LYS C 242 4.82 37.90 -32.99
CA LYS C 242 3.81 38.14 -34.00
C LYS C 242 3.62 39.65 -34.13
N GLU C 243 3.56 40.13 -35.37
CA GLU C 243 3.50 41.55 -35.64
C GLU C 243 2.15 42.11 -35.21
N ASP C 244 1.08 41.33 -35.41
CA ASP C 244 -0.24 41.66 -34.89
C ASP C 244 -0.54 40.84 -33.65
N GLY C 245 0.51 40.38 -32.94
CA GLY C 245 0.35 39.70 -31.68
C GLY C 245 -0.01 40.68 -30.56
N ASN C 246 -0.37 40.13 -29.40
CA ASN C 246 -0.76 40.94 -28.26
C ASN C 246 0.34 41.94 -27.89
N ILE C 247 1.60 41.51 -28.02
CA ILE C 247 2.73 42.31 -27.63
C ILE C 247 2.95 43.40 -28.68
N LEU C 248 3.30 43.01 -29.90
CA LEU C 248 3.70 44.00 -30.89
C LEU C 248 2.50 44.80 -31.38
N GLY C 249 1.29 44.27 -31.18
CA GLY C 249 0.08 44.98 -31.55
C GLY C 249 -0.49 45.83 -30.40
N HIS C 250 0.30 46.08 -29.34
CA HIS C 250 -0.16 46.86 -28.20
C HIS C 250 -1.61 46.56 -27.86
N LYS C 251 -1.88 45.30 -27.48
CA LYS C 251 -3.22 44.87 -27.11
C LYS C 251 -3.30 44.58 -25.61
N LEU C 252 -2.27 44.94 -24.86
CA LEU C 252 -2.23 44.66 -23.43
C LEU C 252 -2.77 45.86 -22.68
N GLU C 253 -3.51 45.60 -21.59
CA GLU C 253 -4.02 46.66 -20.72
C GLU C 253 -2.87 47.24 -19.92
N TYR C 254 -2.95 48.54 -19.60
CA TYR C 254 -1.88 49.24 -18.88
C TYR C 254 -2.06 49.01 -17.39
N ASN C 255 -1.79 47.77 -16.95
CA ASN C 255 -1.90 47.37 -15.56
C ASN C 255 -1.11 46.08 -15.37
N PHE C 256 -0.84 45.70 -14.11
CA PHE C 256 -0.12 44.48 -13.81
C PHE C 256 -0.87 43.69 -12.74
N ASN C 257 -0.75 42.36 -12.79
CA ASN C 257 -1.41 41.48 -11.84
C ASN C 257 -0.44 41.12 -10.73
N SER C 258 -0.91 40.29 -9.79
CA SER C 258 -0.10 39.85 -8.66
C SER C 258 0.35 38.42 -8.93
N HIS C 259 1.60 38.10 -8.57
CA HIS C 259 2.18 36.81 -8.93
C HIS C 259 3.06 36.32 -7.79
N ASN C 260 3.41 35.03 -7.84
CA ASN C 260 4.41 34.48 -6.93
C ASN C 260 5.65 34.09 -7.74
N VAL C 261 6.80 34.63 -7.33
CA VAL C 261 8.09 34.29 -7.90
C VAL C 261 8.67 33.13 -7.08
N TYR C 262 8.71 31.94 -7.68
CA TYR C 262 9.19 30.77 -6.97
C TYR C 262 10.70 30.68 -7.13
N ILE C 263 11.41 30.69 -5.99
CA ILE C 263 12.86 30.72 -5.93
C ILE C 263 13.37 29.40 -5.38
N THR C 264 14.46 28.90 -5.98
CA THR C 264 15.21 27.77 -5.44
C THR C 264 16.70 28.06 -5.57
N ALA C 265 17.50 27.37 -4.75
CA ALA C 265 18.95 27.52 -4.76
C ALA C 265 19.54 26.78 -5.95
N ASP C 266 20.70 27.25 -6.41
CA ASP C 266 21.47 26.55 -7.42
C ASP C 266 22.89 26.38 -6.88
N LYS C 267 23.12 25.23 -6.22
CA LYS C 267 24.41 24.96 -5.61
C LYS C 267 25.50 24.95 -6.70
N GLN C 268 25.14 24.48 -7.90
CA GLN C 268 26.07 24.29 -9.01
C GLN C 268 26.69 25.60 -9.48
N LYS C 269 25.93 26.71 -9.43
CA LYS C 269 26.43 27.99 -9.93
C LYS C 269 26.52 29.01 -8.80
N ASN C 270 26.43 28.53 -7.55
CA ASN C 270 26.45 29.36 -6.36
C ASN C 270 25.48 30.54 -6.47
N GLY C 271 24.26 30.26 -6.96
CA GLY C 271 23.25 31.29 -7.07
C GLY C 271 21.85 30.74 -6.80
N ILE C 272 20.88 31.20 -7.60
CA ILE C 272 19.50 30.78 -7.49
C ILE C 272 18.89 30.67 -8.88
N LYS C 273 17.82 29.88 -8.98
CA LYS C 273 16.96 29.87 -10.15
C LYS C 273 15.57 30.28 -9.68
N ALA C 274 14.71 30.68 -10.62
CA ALA C 274 13.35 31.03 -10.28
C ALA C 274 12.46 30.94 -11.51
N TYR C 275 11.22 30.49 -11.28
CA TYR C 275 10.20 30.42 -12.32
C TYR C 275 8.96 31.13 -11.81
N PHE C 276 8.24 31.77 -12.74
CA PHE C 276 6.90 32.25 -12.46
C PHE C 276 6.19 32.49 -13.79
N LYS C 277 4.86 32.65 -13.73
CA LYS C 277 4.06 32.85 -14.92
C LYS C 277 3.29 34.16 -14.80
N ILE C 278 3.71 35.16 -15.58
CA ILE C 278 3.03 36.45 -15.59
C ILE C 278 1.71 36.32 -16.34
N ARG C 279 0.64 36.86 -15.75
CA ARG C 279 -0.64 36.97 -16.41
C ARG C 279 -0.82 38.43 -16.81
N HIS C 280 -0.68 38.72 -18.11
CA HIS C 280 -0.93 40.04 -18.67
C HIS C 280 -2.36 40.14 -19.19
N ASN C 281 -3.16 40.99 -18.53
CA ASN C 281 -4.49 41.32 -19.03
C ASN C 281 -4.42 41.87 -20.45
N VAL C 282 -5.39 41.46 -21.28
CA VAL C 282 -5.53 41.85 -22.67
C VAL C 282 -6.80 42.67 -22.83
N GLU C 283 -6.78 43.62 -23.78
CA GLU C 283 -7.88 44.55 -23.99
C GLU C 283 -9.22 43.85 -24.17
N ASP C 284 -9.20 42.68 -24.81
CA ASP C 284 -10.42 41.99 -25.20
C ASP C 284 -10.98 41.15 -24.04
N GLY C 285 -10.30 41.18 -22.88
CA GLY C 285 -10.75 40.43 -21.73
C GLY C 285 -10.02 39.10 -21.58
N SER C 286 -9.21 38.73 -22.59
CA SER C 286 -8.40 37.53 -22.50
C SER C 286 -7.17 37.78 -21.63
N VAL C 287 -6.29 36.78 -21.54
CA VAL C 287 -5.04 36.91 -20.82
C VAL C 287 -3.88 36.46 -21.71
N GLN C 288 -2.81 37.25 -21.73
CA GLN C 288 -1.56 36.85 -22.35
C GLN C 288 -0.67 36.23 -21.29
N LEU C 289 -0.24 34.98 -21.48
CA LEU C 289 0.64 34.37 -20.51
C LEU C 289 2.11 34.56 -20.90
N ALA C 290 2.98 34.49 -19.89
CA ALA C 290 4.41 34.62 -20.09
C ALA C 290 5.18 33.87 -18.99
N ASP C 291 5.71 32.70 -19.36
CA ASP C 291 6.60 31.92 -18.51
C ASP C 291 7.94 32.65 -18.38
N HIS C 292 8.36 32.85 -17.13
CA HIS C 292 9.64 33.47 -16.83
C HIS C 292 10.57 32.37 -16.29
N TYR C 293 11.69 32.14 -16.96
CA TYR C 293 12.74 31.27 -16.45
C TYR C 293 13.94 32.16 -16.10
N GLN C 294 14.36 32.12 -14.83
CA GLN C 294 15.28 33.09 -14.28
C GLN C 294 16.46 32.42 -13.57
N GLN C 295 17.66 32.98 -13.77
CA GLN C 295 18.89 32.55 -13.13
C GLN C 295 19.57 33.80 -12.54
N ASN C 296 19.99 33.71 -11.27
CA ASN C 296 20.79 34.76 -10.67
C ASN C 296 22.12 34.15 -10.23
N THR C 297 23.21 34.80 -10.62
CA THR C 297 24.54 34.37 -10.23
C THR C 297 25.28 35.57 -9.67
N PRO C 298 26.04 35.41 -8.56
CA PRO C 298 26.73 36.53 -7.91
C PRO C 298 27.90 37.07 -8.73
N ILE C 299 28.05 38.39 -8.76
CA ILE C 299 29.20 39.03 -9.39
C ILE C 299 30.41 38.83 -8.48
N GLY C 300 30.20 38.95 -7.17
CA GLY C 300 31.29 38.88 -6.21
C GLY C 300 31.86 37.47 -6.08
N ASP C 301 33.02 37.36 -5.43
CA ASP C 301 33.52 36.08 -4.95
C ASP C 301 33.11 35.90 -3.49
N GLY C 302 32.40 36.88 -2.93
CA GLY C 302 32.07 36.88 -1.51
C GLY C 302 31.15 35.71 -1.14
N PRO C 303 30.98 35.41 0.16
CA PRO C 303 29.96 34.47 0.61
C PRO C 303 28.57 35.00 0.26
N VAL C 304 27.65 34.08 -0.05
CA VAL C 304 26.28 34.44 -0.41
C VAL C 304 25.34 33.43 0.23
N LEU C 305 24.15 33.89 0.61
CA LEU C 305 23.12 33.03 1.19
C LEU C 305 22.40 32.25 0.07
N LEU C 306 22.74 30.97 -0.09
CA LEU C 306 21.94 30.11 -0.96
C LEU C 306 20.66 29.77 -0.21
N PRO C 307 19.48 30.27 -0.64
CA PRO C 307 18.25 30.11 0.15
C PRO C 307 17.52 28.78 -0.04
N ASP C 308 16.76 28.39 0.98
CA ASP C 308 15.84 27.27 0.86
C ASP C 308 14.66 27.73 0.00
N ASN C 309 13.86 26.78 -0.48
CA ASN C 309 12.80 27.10 -1.41
C ASN C 309 11.76 27.99 -0.74
N HIS C 310 11.36 29.04 -1.47
CA HIS C 310 10.38 30.00 -1.00
C HIS C 310 9.88 30.78 -2.19
N TYR C 311 9.00 31.76 -1.97
CA TYR C 311 8.50 32.57 -3.07
C TYR C 311 8.30 34.02 -2.63
N LEU C 312 8.12 34.88 -3.63
CA LEU C 312 7.90 36.30 -3.46
C LEU C 312 6.51 36.63 -3.97
N SER C 313 5.64 37.13 -3.10
CA SER C 313 4.34 37.65 -3.49
C SER C 313 4.53 39.06 -4.02
N THR C 314 4.37 39.25 -5.33
CA THR C 314 4.53 40.56 -5.95
C THR C 314 3.16 41.18 -6.22
N GLN C 315 3.11 42.51 -6.14
CA GLN C 315 2.02 43.32 -6.63
C GLN C 315 2.58 44.62 -7.23
N SER C 316 1.88 45.19 -8.20
CA SER C 316 2.38 46.35 -8.91
C SER C 316 1.23 47.21 -9.44
N VAL C 317 1.48 48.53 -9.56
CA VAL C 317 0.51 49.48 -10.10
C VAL C 317 1.21 50.34 -11.13
N LEU C 318 0.57 50.51 -12.30
CA LEU C 318 1.14 51.28 -13.40
C LEU C 318 0.39 52.59 -13.56
N SER C 319 1.11 53.70 -13.67
CA SER C 319 0.47 55.00 -13.76
C SER C 319 1.29 55.93 -14.66
N LYS C 320 0.72 57.11 -14.92
CA LYS C 320 1.37 58.11 -15.76
C LYS C 320 1.58 59.38 -14.95
N ASP C 321 2.74 60.01 -15.16
CA ASP C 321 2.97 61.36 -14.70
C ASP C 321 2.22 62.32 -15.63
N PRO C 322 1.25 63.10 -15.11
CA PRO C 322 0.36 63.87 -15.97
C PRO C 322 1.03 65.06 -16.67
N ASN C 323 2.26 65.39 -16.24
CA ASN C 323 3.00 66.48 -16.85
C ASN C 323 4.00 65.95 -17.87
N GLU C 324 4.22 64.64 -17.91
CA GLU C 324 5.27 64.07 -18.75
C GLU C 324 4.76 63.92 -20.18
N LYS C 325 5.52 64.44 -21.15
CA LYS C 325 5.14 64.36 -22.55
C LYS C 325 5.81 63.17 -23.23
N ARG C 326 6.90 62.67 -22.65
CA ARG C 326 7.65 61.56 -23.23
C ARG C 326 6.95 60.25 -22.87
N ASP C 327 7.10 59.24 -23.73
CA ASP C 327 6.54 57.92 -23.47
C ASP C 327 7.23 57.39 -22.21
N HIS C 328 6.42 57.10 -21.19
CA HIS C 328 6.96 56.77 -19.88
C HIS C 328 6.00 55.86 -19.14
N MET C 329 6.48 55.33 -18.00
CA MET C 329 5.68 54.52 -17.11
C MET C 329 6.11 54.76 -15.67
N VAL C 330 5.13 55.06 -14.82
CA VAL C 330 5.36 55.17 -13.39
C VAL C 330 4.93 53.87 -12.72
N LEU C 331 5.77 53.38 -11.80
CA LEU C 331 5.57 52.07 -11.22
C LEU C 331 5.58 52.16 -9.70
N LEU C 332 4.63 51.47 -9.07
CA LEU C 332 4.71 51.18 -7.65
C LEU C 332 4.61 49.66 -7.50
N GLU C 333 5.68 49.01 -7.01
CA GLU C 333 5.71 47.58 -6.75
C GLU C 333 5.76 47.35 -5.24
N ASP C 334 5.26 46.18 -4.80
CA ASP C 334 5.32 45.78 -3.41
C ASP C 334 5.57 44.27 -3.35
N VAL C 335 6.81 43.89 -2.99
CA VAL C 335 7.23 42.50 -2.99
C VAL C 335 7.53 42.05 -1.57
N THR C 336 6.90 40.94 -1.14
CA THR C 336 7.11 40.37 0.19
C THR C 336 7.40 38.88 0.05
N ALA C 337 8.32 38.37 0.88
CA ALA C 337 8.70 36.97 0.83
C ALA C 337 7.74 36.14 1.69
N ALA C 338 7.61 34.86 1.34
CA ALA C 338 6.84 33.89 2.10
C ALA C 338 7.24 32.48 1.67
N GLY C 339 6.73 31.46 2.37
CA GLY C 339 6.91 30.07 1.95
C GLY C 339 7.75 29.25 2.93
N ILE C 340 8.27 29.90 3.98
CA ILE C 340 8.99 29.24 5.06
C ILE C 340 8.47 29.74 6.42
CA CA D . -10.51 14.72 -24.29
CA CA E . -13.51 22.70 -16.67
#